data_2W65
#
_entry.id   2W65
#
_cell.length_a   57.200
_cell.length_b   127.800
_cell.length_c   71.900
_cell.angle_alpha   90.00
_cell.angle_beta   106.00
_cell.angle_gamma   90.00
#
_symmetry.space_group_name_H-M   'P 1 21 1'
#
loop_
_entity.id
_entity.type
_entity.pdbx_description
1 polymer 'ANTI-CITRULLINATED COLLAGEN TYPE II FAB ACC4'
2 polymer 'ANTI-CITRULLINATED COLLAGEN TYPE II FAB ACC4'
3 polymer 'COLLAGEN DERIVED PEPTIDE PCII-CIT1'
4 non-polymer 'SULFATE ION'
5 water water
#
loop_
_entity_poly.entity_id
_entity_poly.type
_entity_poly.pdbx_seq_one_letter_code
_entity_poly.pdbx_strand_id
1 'polypeptide(L)'
;QIQLVQSGPELKKPGETVKISCKASGYTFTDYSIHWVKQAPGKGLKWMGWINTETGEPTYTDDFKGRFAFSLESSASTAF
LQINNLKNEDTATYFCARATTATELAYWGQGTLVTVSAAKTTPPSVYPLAPGSAAQRNSMVTLGCLVKGYFPEPVTVTWN
SGSLSSGVHTFPAVLQSDLYTLSSSVTVPSSTWPSETVTCNVAHPASSTKVDKKIVPR
;
A,C
2 'polypeptide(L)'
;DVVMTQTPLTLSVTIGQPASISCKSSQSLLDSDGKTYLNWLLQRPGQSPKRLIYLVSKLDSGVPDRFTGSGSGTDFTLKI
SRVEAEDLGVYYCWQGTHFPLTFGAGTKLELKRADAAPTVSIFPPSSEQLTSGGASVVCFLNNFYPKDINVKWKIDGSER
QNGVLNSWTDQDSKDSTYSMSSTLTLTKDEYERHNSYTCEATHKTSTSPIVKSFNRN
;
B,D
3 'polypeptide(L)' A(CIR)GLTGR(HYP)G E,F
#
# COMPACT_ATOMS: atom_id res chain seq x y z
N GLN A 1 -35.06 2.64 19.43
CA GLN A 1 -36.15 2.46 18.42
C GLN A 1 -35.54 2.11 17.08
N ILE A 2 -34.44 2.77 16.71
CA ILE A 2 -33.71 2.48 15.44
C ILE A 2 -32.79 1.27 15.61
N GLN A 3 -33.13 0.18 14.95
CA GLN A 3 -32.35 -1.06 15.02
C GLN A 3 -32.31 -1.71 13.66
N LEU A 4 -31.22 -2.44 13.42
CA LEU A 4 -30.94 -3.23 12.19
C LEU A 4 -30.46 -4.60 12.69
N VAL A 5 -31.26 -5.64 12.43
CA VAL A 5 -30.96 -6.99 12.89
C VAL A 5 -30.60 -7.86 11.69
N GLN A 6 -29.42 -8.46 11.75
CA GLN A 6 -28.93 -9.30 10.69
C GLN A 6 -29.21 -10.77 10.94
N SER A 7 -29.12 -11.56 9.87
CA SER A 7 -29.35 -13.00 9.91
C SER A 7 -28.20 -13.69 10.67
N GLY A 8 -28.41 -14.95 11.03
CA GLY A 8 -27.43 -15.73 11.79
C GLY A 8 -26.16 -16.16 11.07
N PRO A 9 -25.24 -16.83 11.82
CA PRO A 9 -23.95 -17.31 11.32
C PRO A 9 -24.09 -18.32 10.18
N GLU A 10 -23.16 -18.29 9.23
CA GLU A 10 -23.20 -19.18 8.06
C GLU A 10 -21.87 -19.93 7.83
N LEU A 11 -21.96 -21.22 7.56
CA LEU A 11 -20.80 -22.06 7.25
C LEU A 11 -21.07 -22.52 5.83
N LYS A 12 -20.19 -22.17 4.91
CA LYS A 12 -20.32 -22.52 3.49
C LYS A 12 -19.02 -23.08 2.93
N LYS A 13 -19.11 -23.82 1.82
CA LYS A 13 -17.97 -24.39 1.16
C LYS A 13 -17.64 -23.56 -0.07
N PRO A 14 -16.36 -23.58 -0.50
CA PRO A 14 -15.98 -22.83 -1.70
C PRO A 14 -16.84 -23.14 -2.91
N GLY A 15 -17.19 -22.12 -3.68
CA GLY A 15 -18.01 -22.27 -4.87
C GLY A 15 -19.49 -22.12 -4.61
N GLU A 16 -19.91 -22.17 -3.35
CA GLU A 16 -21.34 -22.05 -3.00
C GLU A 16 -21.74 -20.59 -2.95
N THR A 17 -23.03 -20.33 -2.67
CA THR A 17 -23.57 -18.98 -2.55
C THR A 17 -24.15 -18.78 -1.15
N VAL A 18 -24.21 -17.54 -0.69
CA VAL A 18 -24.81 -17.22 0.59
C VAL A 18 -25.60 -15.90 0.47
N LYS A 19 -26.73 -15.79 1.16
CA LYS A 19 -27.53 -14.55 1.12
C LYS A 19 -27.87 -14.22 2.55
N ILE A 20 -27.41 -13.07 3.01
CA ILE A 20 -27.62 -12.64 4.38
C ILE A 20 -28.60 -11.45 4.39
N SER A 21 -29.40 -11.29 5.44
CA SER A 21 -30.37 -10.18 5.51
C SER A 21 -30.13 -9.19 6.64
N CYS A 22 -30.78 -8.03 6.51
CA CYS A 22 -30.72 -6.97 7.47
C CYS A 22 -32.12 -6.37 7.48
N LYS A 23 -32.88 -6.64 8.55
CA LYS A 23 -34.21 -6.09 8.71
C LYS A 23 -34.12 -4.82 9.57
N ALA A 24 -34.63 -3.72 9.04
CA ALA A 24 -34.63 -2.44 9.73
C ALA A 24 -35.94 -2.20 10.43
N SER A 25 -35.90 -1.60 11.63
CA SER A 25 -37.12 -1.21 12.37
C SER A 25 -36.90 0.20 12.99
N GLY A 26 -38.00 0.86 13.34
CA GLY A 26 -37.99 2.19 13.94
C GLY A 26 -38.10 3.43 13.05
N TYR A 27 -38.03 3.26 11.73
CA TYR A 27 -38.08 4.40 10.81
C TYR A 27 -38.71 3.99 9.48
N THR A 28 -38.92 4.97 8.59
CA THR A 28 -39.47 4.74 7.26
C THR A 28 -38.25 4.29 6.44
N PHE A 29 -38.21 2.98 6.16
CA PHE A 29 -37.12 2.31 5.44
C PHE A 29 -36.60 2.98 4.16
N THR A 30 -37.47 3.48 3.30
CA THR A 30 -37.02 4.07 2.03
C THR A 30 -36.46 5.50 2.18
N ASP A 31 -36.32 6.00 3.41
CA ASP A 31 -35.78 7.33 3.65
C ASP A 31 -34.29 7.41 3.76
N TYR A 32 -33.59 6.31 4.00
CA TYR A 32 -32.12 6.37 4.17
C TYR A 32 -31.41 5.20 3.51
N SER A 33 -30.11 5.41 3.19
CA SER A 33 -29.20 4.41 2.55
C SER A 33 -28.82 3.25 3.44
N ILE A 34 -28.61 2.09 2.84
CA ILE A 34 -28.14 0.90 3.52
C ILE A 34 -26.73 0.65 2.92
N HIS A 35 -25.76 0.47 3.82
CA HIS A 35 -24.36 0.26 3.49
C HIS A 35 -23.89 -1.09 3.95
N TRP A 36 -22.85 -1.59 3.30
CA TRP A 36 -22.28 -2.93 3.62
C TRP A 36 -20.78 -2.79 3.86
N VAL A 37 -20.33 -3.35 4.99
CA VAL A 37 -18.93 -3.28 5.43
C VAL A 37 -18.39 -4.67 5.89
N LYS A 38 -17.18 -4.99 5.44
CA LYS A 38 -16.52 -6.23 5.76
C LYS A 38 -15.43 -6.05 6.80
N GLN A 39 -15.31 -7.03 7.69
CA GLN A 39 -14.25 -7.10 8.68
C GLN A 39 -13.76 -8.54 8.73
N ALA A 40 -12.59 -8.81 8.14
CA ALA A 40 -11.98 -10.14 8.18
C ALA A 40 -11.51 -10.33 9.64
N PRO A 41 -11.46 -11.59 10.12
CA PRO A 41 -11.13 -11.77 11.55
C PRO A 41 -9.80 -11.19 12.07
N GLY A 42 -9.91 -10.33 13.10
CA GLY A 42 -8.76 -9.68 13.70
C GLY A 42 -8.21 -8.50 12.91
N LYS A 43 -8.95 -8.09 11.88
CA LYS A 43 -8.55 -7.00 10.99
C LYS A 43 -9.46 -5.76 11.11
N GLY A 44 -9.14 -4.74 10.29
CA GLY A 44 -9.88 -3.46 10.21
C GLY A 44 -11.16 -3.53 9.39
N LEU A 45 -11.72 -2.37 9.06
CA LEU A 45 -12.98 -2.25 8.35
C LEU A 45 -12.86 -1.84 6.87
N LYS A 46 -13.74 -2.35 6.03
CA LYS A 46 -13.72 -2.00 4.60
C LYS A 46 -15.13 -1.87 4.03
N TRP A 47 -15.43 -0.68 3.51
CA TRP A 47 -16.73 -0.34 2.94
C TRP A 47 -16.88 -1.05 1.58
N MET A 48 -17.97 -1.81 1.42
CA MET A 48 -18.27 -2.56 0.22
C MET A 48 -19.12 -1.78 -0.79
N GLY A 49 -19.82 -0.74 -0.29
CA GLY A 49 -20.69 0.08 -1.11
C GLY A 49 -22.03 0.25 -0.39
N TRP A 50 -23.05 0.73 -1.12
CA TRP A 50 -24.36 0.99 -0.56
C TRP A 50 -25.42 0.74 -1.58
N ILE A 51 -26.66 0.76 -1.12
CA ILE A 51 -27.82 0.61 -1.98
C ILE A 51 -28.81 1.73 -1.69
N ASN A 52 -29.47 2.21 -2.74
CA ASN A 52 -30.45 3.26 -2.63
C ASN A 52 -31.80 2.60 -2.36
N THR A 53 -32.31 2.84 -1.15
CA THR A 53 -33.59 2.23 -0.72
C THR A 53 -34.89 2.78 -1.32
N GLU A 54 -34.79 3.78 -2.21
CA GLU A 54 -35.95 4.35 -2.90
C GLU A 54 -35.99 3.83 -4.33
N THR A 55 -34.85 3.82 -5.01
CA THR A 55 -34.75 3.36 -6.39
C THR A 55 -34.23 1.94 -6.49
N GLY A 56 -33.55 1.48 -5.45
CA GLY A 56 -32.97 0.13 -5.41
C GLY A 56 -31.63 0.00 -6.14
N GLU A 57 -31.03 1.11 -6.52
CA GLU A 57 -29.73 1.11 -7.29
C GLU A 57 -28.55 0.89 -6.39
N PRO A 58 -27.72 -0.15 -6.68
CA PRO A 58 -26.55 -0.44 -5.90
C PRO A 58 -25.24 0.19 -6.40
N THR A 59 -24.35 0.52 -5.45
CA THR A 59 -23.03 1.07 -5.82
C THR A 59 -21.97 0.17 -5.12
N TYR A 60 -21.03 -0.42 -5.87
CA TYR A 60 -19.99 -1.31 -5.34
C TYR A 60 -18.61 -0.70 -5.50
N THR A 61 -17.74 -0.87 -4.48
CA THR A 61 -16.41 -0.38 -4.61
C THR A 61 -15.63 -1.43 -5.46
N ASP A 62 -14.47 -1.04 -5.91
CA ASP A 62 -13.59 -1.87 -6.77
C ASP A 62 -13.47 -3.33 -6.35
N ASP A 63 -13.09 -3.61 -5.09
CA ASP A 63 -12.93 -4.99 -4.63
C ASP A 63 -14.17 -5.88 -4.50
N PHE A 64 -15.39 -5.31 -4.64
CA PHE A 64 -16.64 -6.04 -4.50
C PHE A 64 -17.55 -5.99 -5.73
N LYS A 65 -16.95 -5.76 -6.89
CA LYS A 65 -17.64 -5.67 -8.15
C LYS A 65 -17.31 -6.99 -8.87
N GLY A 66 -18.36 -7.79 -9.03
CA GLY A 66 -18.27 -9.10 -9.62
C GLY A 66 -19.13 -10.13 -8.93
N ARG A 67 -18.65 -10.69 -7.83
CA ARG A 67 -19.36 -11.74 -7.09
C ARG A 67 -20.37 -11.28 -6.02
N PHE A 68 -20.59 -9.98 -5.90
CA PHE A 68 -21.47 -9.45 -4.88
C PHE A 68 -22.72 -8.73 -5.46
N ALA A 69 -23.87 -8.94 -4.81
CA ALA A 69 -25.13 -8.34 -5.18
C ALA A 69 -25.90 -7.79 -3.95
N PHE A 70 -26.30 -6.52 -3.96
CA PHE A 70 -27.10 -5.93 -2.85
C PHE A 70 -28.49 -5.85 -3.43
N SER A 71 -29.50 -6.18 -2.60
CA SER A 71 -30.93 -6.20 -2.97
C SER A 71 -31.83 -5.73 -1.81
N LEU A 72 -33.12 -5.58 -2.11
CA LEU A 72 -34.15 -5.10 -1.16
C LEU A 72 -35.41 -5.92 -1.29
N GLU A 73 -36.22 -5.84 -0.24
CA GLU A 73 -37.58 -6.39 -0.12
C GLU A 73 -38.18 -5.32 0.78
N SER A 74 -38.34 -4.17 0.15
CA SER A 74 -38.84 -2.97 0.80
C SER A 74 -40.10 -3.15 1.59
N SER A 75 -41.02 -4.00 1.14
CA SER A 75 -42.27 -4.24 1.87
C SER A 75 -41.98 -4.87 3.24
N ALA A 76 -40.86 -5.59 3.37
CA ALA A 76 -40.47 -6.20 4.67
C ALA A 76 -39.28 -5.43 5.29
N SER A 77 -39.04 -4.19 4.84
CA SER A 77 -37.97 -3.33 5.35
C SER A 77 -36.68 -4.12 5.46
N THR A 78 -36.32 -4.84 4.39
CA THR A 78 -35.12 -5.69 4.44
C THR A 78 -34.20 -5.51 3.26
N ALA A 79 -32.90 -5.58 3.55
CA ALA A 79 -31.84 -5.47 2.58
C ALA A 79 -31.07 -6.76 2.71
N PHE A 80 -30.58 -7.25 1.58
CA PHE A 80 -29.81 -8.49 1.49
C PHE A 80 -28.48 -8.26 0.83
N LEU A 81 -27.52 -9.14 1.15
CA LEU A 81 -26.16 -9.19 0.55
C LEU A 81 -25.97 -10.65 0.09
N GLN A 82 -25.81 -10.85 -1.21
CA GLN A 82 -25.59 -12.16 -1.79
C GLN A 82 -24.15 -12.17 -2.36
N ILE A 83 -23.39 -13.22 -2.00
CA ILE A 83 -22.00 -13.43 -2.50
C ILE A 83 -22.05 -14.79 -3.22
N ASN A 84 -21.64 -14.80 -4.48
CA ASN A 84 -21.64 -15.98 -5.31
C ASN A 84 -20.23 -16.56 -5.42
N ASN A 85 -20.11 -17.80 -5.88
CA ASN A 85 -18.82 -18.43 -6.04
C ASN A 85 -17.89 -18.19 -4.84
N LEU A 86 -18.38 -18.40 -3.62
CA LEU A 86 -17.56 -18.18 -2.41
C LEU A 86 -16.12 -18.71 -2.47
N LYS A 87 -15.22 -17.92 -1.91
CA LYS A 87 -13.78 -18.21 -1.83
C LYS A 87 -13.37 -18.05 -0.36
N ASN A 88 -12.25 -18.66 0.04
CA ASN A 88 -11.76 -18.61 1.43
C ASN A 88 -11.63 -17.25 2.02
N GLU A 89 -11.13 -16.33 1.20
CA GLU A 89 -10.90 -14.94 1.61
C GLU A 89 -12.16 -14.16 1.90
N ASP A 90 -13.32 -14.76 1.65
CA ASP A 90 -14.62 -14.13 1.93
C ASP A 90 -14.96 -14.32 3.41
N THR A 91 -14.25 -15.20 4.11
CA THR A 91 -14.46 -15.41 5.55
C THR A 91 -14.32 -14.05 6.29
N ALA A 92 -15.39 -13.66 6.97
CA ALA A 92 -15.40 -12.42 7.69
C ALA A 92 -16.77 -12.17 8.31
N THR A 93 -16.86 -11.10 9.08
CA THR A 93 -18.12 -10.64 9.66
C THR A 93 -18.57 -9.47 8.77
N TYR A 94 -19.80 -9.57 8.26
CA TYR A 94 -20.38 -8.53 7.39
C TYR A 94 -21.40 -7.72 8.20
N PHE A 95 -21.30 -6.39 8.09
CA PHE A 95 -22.17 -5.44 8.78
C PHE A 95 -23.01 -4.63 7.78
N CYS A 96 -24.23 -4.30 8.20
CA CYS A 96 -25.13 -3.42 7.41
C CYS A 96 -25.17 -2.12 8.26
N ALA A 97 -25.23 -0.99 7.59
CA ALA A 97 -25.28 0.28 8.32
C ALA A 97 -26.27 1.18 7.57
N ARG A 98 -26.86 2.14 8.29
CA ARG A 98 -27.82 3.06 7.73
C ARG A 98 -27.32 4.48 7.85
N ALA A 99 -27.40 5.26 6.76
CA ALA A 99 -26.97 6.65 6.74
C ALA A 99 -27.89 7.68 7.41
N THR A 100 -27.25 8.76 7.89
CA THR A 100 -27.93 9.94 8.43
C THR A 100 -27.40 11.06 7.52
N THR A 101 -27.89 12.27 7.73
CA THR A 101 -27.53 13.45 6.95
C THR A 101 -26.05 13.76 6.81
N ALA A 102 -25.30 13.74 7.92
CA ALA A 102 -23.86 14.03 7.91
C ALA A 102 -22.91 12.81 7.90
N THR A 103 -23.46 11.62 8.08
CA THR A 103 -22.68 10.39 8.17
C THR A 103 -23.34 9.16 7.56
N GLU A 104 -22.56 8.49 6.71
CA GLU A 104 -23.03 7.30 6.01
C GLU A 104 -23.16 6.05 6.83
N LEU A 105 -22.32 5.91 7.84
CA LEU A 105 -22.30 4.71 8.68
C LEU A 105 -22.66 5.15 10.08
N ALA A 106 -23.95 5.36 10.32
CA ALA A 106 -24.43 5.86 11.62
C ALA A 106 -24.98 4.85 12.61
N TYR A 107 -25.85 3.98 12.11
CA TYR A 107 -26.50 2.96 12.93
C TYR A 107 -26.02 1.67 12.37
N TRP A 108 -25.54 0.76 13.25
CA TRP A 108 -24.96 -0.50 12.80
C TRP A 108 -25.71 -1.76 13.21
N GLY A 109 -25.57 -2.79 12.38
CA GLY A 109 -26.21 -4.07 12.66
C GLY A 109 -25.22 -4.79 13.56
N GLN A 110 -25.61 -5.96 14.08
CA GLN A 110 -24.70 -6.69 14.96
C GLN A 110 -23.65 -7.48 14.15
N GLY A 111 -23.80 -7.56 12.83
CA GLY A 111 -22.86 -8.32 12.00
C GLY A 111 -23.27 -9.78 11.78
N THR A 112 -22.89 -10.34 10.63
CA THR A 112 -23.15 -11.73 10.27
C THR A 112 -21.83 -12.40 9.87
N LEU A 113 -21.42 -13.42 10.65
CA LEU A 113 -20.19 -14.17 10.39
C LEU A 113 -20.36 -15.20 9.28
N VAL A 114 -19.57 -15.08 8.23
CA VAL A 114 -19.58 -16.04 7.14
C VAL A 114 -18.22 -16.71 7.15
N THR A 115 -18.20 -18.05 7.26
CA THR A 115 -16.93 -18.81 7.27
C THR A 115 -16.98 -19.70 6.05
N VAL A 116 -15.95 -19.64 5.19
CA VAL A 116 -15.90 -20.46 3.98
C VAL A 116 -14.82 -21.56 4.14
N SER A 117 -15.23 -22.83 4.07
CA SER A 117 -14.28 -23.96 4.22
C SER A 117 -14.69 -25.27 3.57
N ALA A 118 -13.70 -25.95 2.99
CA ALA A 118 -13.88 -27.26 2.36
C ALA A 118 -13.71 -28.39 3.39
N ALA A 119 -13.49 -28.04 4.65
CA ALA A 119 -13.31 -29.05 5.71
C ALA A 119 -14.64 -29.74 6.08
N LYS A 120 -14.56 -30.98 6.55
CA LYS A 120 -15.76 -31.71 6.98
C LYS A 120 -15.64 -31.79 8.50
N THR A 121 -16.75 -32.07 9.17
CA THR A 121 -16.73 -32.17 10.64
C THR A 121 -15.71 -33.22 11.09
N THR A 122 -14.79 -32.81 11.95
CA THR A 122 -13.71 -33.68 12.44
C THR A 122 -13.43 -33.49 13.94
N PRO A 123 -13.47 -34.58 14.75
CA PRO A 123 -13.18 -34.42 16.18
C PRO A 123 -11.70 -34.14 16.45
N PRO A 124 -11.39 -33.49 17.58
CA PRO A 124 -9.98 -33.21 17.83
C PRO A 124 -9.22 -34.37 18.48
N SER A 125 -7.88 -34.31 18.38
CA SER A 125 -7.01 -35.27 19.03
C SER A 125 -6.58 -34.44 20.21
N VAL A 126 -6.69 -34.98 21.41
CA VAL A 126 -6.32 -34.26 22.62
C VAL A 126 -5.08 -34.89 23.23
N TYR A 127 -4.01 -34.11 23.36
CA TYR A 127 -2.76 -34.62 23.90
C TYR A 127 -2.33 -33.88 25.17
N PRO A 128 -1.89 -34.63 26.18
CA PRO A 128 -1.44 -33.98 27.39
C PRO A 128 -0.03 -33.41 27.22
N LEU A 129 0.25 -32.30 27.91
CA LEU A 129 1.55 -31.65 27.86
C LEU A 129 2.16 -31.64 29.27
N ALA A 130 3.17 -32.47 29.47
CA ALA A 130 3.88 -32.59 30.75
C ALA A 130 5.31 -32.07 30.55
N PRO A 131 5.85 -31.30 31.52
CA PRO A 131 7.19 -30.70 31.45
C PRO A 131 8.32 -31.71 31.19
N GLY A 132 9.10 -31.49 30.13
CA GLY A 132 10.18 -32.40 29.78
C GLY A 132 11.38 -32.40 30.72
N SER A 139 8.00 -23.67 43.40
CA SER A 139 6.71 -23.53 44.10
C SER A 139 5.53 -23.82 43.18
N MET A 140 5.68 -23.49 41.90
CA MET A 140 4.64 -23.72 40.87
C MET A 140 5.11 -24.67 39.79
N VAL A 141 4.15 -25.14 39.00
CA VAL A 141 4.40 -26.01 37.85
C VAL A 141 3.28 -25.73 36.83
N THR A 142 3.66 -25.62 35.56
CA THR A 142 2.72 -25.34 34.49
C THR A 142 2.56 -26.57 33.62
N LEU A 143 1.31 -26.98 33.42
CA LEU A 143 0.99 -28.11 32.57
C LEU A 143 0.06 -27.60 31.46
N GLY A 144 -0.34 -28.50 30.56
CA GLY A 144 -1.24 -28.12 29.50
C GLY A 144 -1.78 -29.27 28.67
N CYS A 145 -2.62 -28.90 27.72
CA CYS A 145 -3.24 -29.81 26.75
C CYS A 145 -3.24 -29.15 25.36
N LEU A 146 -2.99 -29.96 24.34
CA LEU A 146 -2.98 -29.54 22.96
C LEU A 146 -4.19 -30.21 22.32
N VAL A 147 -5.05 -29.41 21.70
CA VAL A 147 -6.28 -29.89 21.06
C VAL A 147 -6.00 -29.65 19.59
N LYS A 148 -5.75 -30.73 18.85
CA LYS A 148 -5.33 -30.60 17.47
C LYS A 148 -6.19 -31.25 16.38
N GLY A 149 -6.42 -30.50 15.30
CA GLY A 149 -7.16 -30.98 14.14
C GLY A 149 -8.67 -31.11 14.21
N TYR A 150 -9.35 -30.07 14.68
CA TYR A 150 -10.82 -30.13 14.76
C TYR A 150 -11.46 -29.12 13.83
N PHE A 151 -12.74 -29.38 13.53
CA PHE A 151 -13.54 -28.53 12.68
C PHE A 151 -15.00 -28.96 12.83
N PRO A 152 -15.92 -28.00 13.00
CA PRO A 152 -15.75 -26.56 13.08
C PRO A 152 -15.49 -26.06 14.49
N GLU A 153 -15.36 -24.74 14.67
CA GLU A 153 -15.21 -24.20 16.01
C GLU A 153 -16.62 -24.20 16.60
N PRO A 154 -16.71 -24.13 17.94
CA PRO A 154 -15.66 -24.07 18.94
C PRO A 154 -15.48 -25.37 19.74
N VAL A 155 -14.58 -25.34 20.73
CA VAL A 155 -14.34 -26.44 21.67
C VAL A 155 -14.31 -25.76 23.04
N THR A 156 -14.69 -26.48 24.09
CA THR A 156 -14.66 -25.95 25.44
C THR A 156 -13.57 -26.75 26.15
N VAL A 157 -12.71 -26.07 26.91
CA VAL A 157 -11.65 -26.74 27.64
C VAL A 157 -11.81 -26.38 29.08
N THR A 158 -11.74 -27.39 29.94
CA THR A 158 -11.86 -27.15 31.35
C THR A 158 -10.79 -27.98 32.07
N TRP A 159 -10.57 -27.71 33.35
CA TRP A 159 -9.60 -28.43 34.16
C TRP A 159 -10.25 -28.95 35.44
N ASN A 160 -10.01 -30.23 35.78
CA ASN A 160 -10.61 -30.89 36.97
C ASN A 160 -12.11 -30.56 37.08
N SER A 161 -12.77 -30.58 35.93
CA SER A 161 -14.20 -30.31 35.81
C SER A 161 -14.59 -28.92 36.35
N GLY A 162 -13.71 -27.94 36.20
CA GLY A 162 -13.97 -26.57 36.65
C GLY A 162 -13.40 -26.24 38.02
N SER A 163 -12.87 -27.25 38.72
CA SER A 163 -12.27 -27.06 40.04
C SER A 163 -10.98 -26.26 39.91
N LEU A 164 -10.32 -26.40 38.76
CA LEU A 164 -9.11 -25.65 38.47
C LEU A 164 -9.47 -24.55 37.48
N SER A 165 -9.34 -23.30 37.92
CA SER A 165 -9.64 -22.15 37.06
C SER A 165 -8.85 -20.90 37.40
N SER A 166 -7.89 -20.98 38.32
CA SER A 166 -7.09 -19.81 38.74
C SER A 166 -6.03 -19.36 37.75
N GLY A 167 -5.10 -20.23 37.40
CA GLY A 167 -4.05 -19.87 36.47
C GLY A 167 -4.26 -20.56 35.14
N VAL A 168 -5.43 -20.34 34.54
CA VAL A 168 -5.78 -20.96 33.26
C VAL A 168 -5.72 -20.02 32.04
N HIS A 169 -5.00 -20.45 31.01
CA HIS A 169 -4.88 -19.73 29.76
C HIS A 169 -5.26 -20.64 28.60
N THR A 170 -6.45 -20.42 28.05
CA THR A 170 -6.93 -21.16 26.89
C THR A 170 -6.74 -20.17 25.74
N PHE A 171 -5.91 -20.54 24.78
CA PHE A 171 -5.56 -19.65 23.68
C PHE A 171 -6.44 -19.77 22.46
N PRO A 172 -6.51 -18.69 21.65
CA PRO A 172 -7.31 -18.70 20.40
C PRO A 172 -6.81 -19.76 19.43
N ALA A 173 -7.75 -20.46 18.78
CA ALA A 173 -7.39 -21.51 17.82
C ALA A 173 -6.72 -20.94 16.58
N VAL A 174 -5.92 -21.78 15.93
CA VAL A 174 -5.25 -21.37 14.71
C VAL A 174 -5.39 -22.45 13.64
N LEU A 175 -5.62 -22.02 12.39
CA LEU A 175 -5.76 -22.93 11.24
C LEU A 175 -4.41 -23.50 10.81
N GLN A 176 -4.35 -24.83 10.71
CA GLN A 176 -3.14 -25.55 10.33
C GLN A 176 -3.60 -26.63 9.34
N SER A 177 -3.42 -26.35 8.05
CA SER A 177 -3.83 -27.27 6.98
C SER A 177 -5.28 -27.59 6.57
N ASP A 178 -6.12 -26.57 6.71
CA ASP A 178 -7.59 -26.58 6.74
C ASP A 178 -8.36 -26.91 8.05
N LEU A 179 -7.68 -27.32 9.12
CA LEU A 179 -8.35 -27.62 10.40
C LEU A 179 -7.80 -26.76 11.54
N TYR A 180 -8.53 -26.70 12.66
CA TYR A 180 -8.17 -25.89 13.83
C TYR A 180 -7.36 -26.62 14.89
N THR A 181 -6.44 -25.86 15.51
CA THR A 181 -5.58 -26.37 16.57
C THR A 181 -5.53 -25.30 17.65
N LEU A 182 -5.59 -25.74 18.91
CA LEU A 182 -5.60 -24.86 20.06
C LEU A 182 -4.87 -25.49 21.24
N SER A 183 -4.49 -24.68 22.23
CA SER A 183 -3.78 -25.17 23.41
C SER A 183 -4.25 -24.42 24.64
N SER A 184 -4.16 -25.10 25.79
CA SER A 184 -4.56 -24.54 27.07
C SER A 184 -3.47 -24.86 28.07
N SER A 185 -3.18 -23.93 28.99
CA SER A 185 -2.17 -24.16 30.00
C SER A 185 -2.77 -23.90 31.36
N VAL A 186 -2.29 -24.66 32.36
CA VAL A 186 -2.74 -24.47 33.73
C VAL A 186 -1.51 -24.42 34.66
N THR A 187 -1.57 -23.54 35.67
CA THR A 187 -0.48 -23.41 36.63
C THR A 187 -1.04 -23.73 38.00
N VAL A 188 -0.35 -24.63 38.72
CA VAL A 188 -0.78 -25.10 40.05
C VAL A 188 0.43 -25.26 40.98
N PRO A 189 0.17 -25.36 42.30
CA PRO A 189 1.32 -25.56 43.18
C PRO A 189 2.10 -26.86 42.91
N SER A 190 3.40 -26.80 43.19
CA SER A 190 4.31 -27.92 43.00
C SER A 190 3.98 -29.12 43.91
N SER A 191 3.35 -28.84 45.05
CA SER A 191 2.93 -29.85 46.01
C SER A 191 1.68 -30.60 45.57
N THR A 192 0.93 -30.00 44.66
CA THR A 192 -0.32 -30.53 44.12
C THR A 192 -0.18 -31.51 42.93
N TRP A 193 0.89 -31.38 42.17
CA TRP A 193 1.16 -32.25 41.02
C TRP A 193 2.65 -32.56 41.00
N PRO A 194 3.03 -33.84 40.70
CA PRO A 194 2.20 -35.02 40.37
C PRO A 194 1.63 -35.84 41.54
N SER A 195 1.64 -35.30 42.76
CA SER A 195 1.10 -36.04 43.91
C SER A 195 -0.39 -36.38 43.72
N GLU A 196 -1.11 -35.45 43.11
CA GLU A 196 -2.54 -35.59 42.81
C GLU A 196 -2.73 -35.53 41.29
N THR A 197 -3.93 -35.91 40.88
CA THR A 197 -4.31 -35.96 39.50
C THR A 197 -4.75 -34.57 38.97
N VAL A 198 -4.41 -34.32 37.71
CA VAL A 198 -4.78 -33.10 36.99
C VAL A 198 -5.29 -33.60 35.67
N THR A 199 -6.51 -33.23 35.33
CA THR A 199 -7.13 -33.69 34.09
C THR A 199 -7.72 -32.52 33.29
N CYS A 200 -7.49 -32.50 31.98
CA CYS A 200 -8.09 -31.48 31.10
C CYS A 200 -9.29 -32.17 30.42
N ASN A 201 -10.40 -31.46 30.40
CA ASN A 201 -11.65 -31.97 29.83
C ASN A 201 -11.90 -31.18 28.57
N VAL A 202 -12.06 -31.89 27.45
CA VAL A 202 -12.25 -31.24 26.16
C VAL A 202 -13.56 -31.64 25.46
N ALA A 203 -14.41 -30.63 25.20
CA ALA A 203 -15.69 -30.84 24.52
C ALA A 203 -15.71 -30.24 23.11
N HIS A 204 -16.33 -30.96 22.19
CA HIS A 204 -16.48 -30.52 20.80
C HIS A 204 -17.88 -30.96 20.40
N PRO A 205 -18.89 -30.09 20.63
CA PRO A 205 -20.30 -30.35 20.33
C PRO A 205 -20.60 -30.80 18.89
N ALA A 206 -19.94 -30.19 17.91
CA ALA A 206 -20.18 -30.54 16.50
C ALA A 206 -19.94 -32.03 16.17
N SER A 207 -19.10 -32.72 16.93
CA SER A 207 -18.80 -34.14 16.69
C SER A 207 -19.26 -35.04 17.84
N SER A 208 -19.99 -34.44 18.80
CA SER A 208 -20.52 -35.13 19.98
C SER A 208 -19.40 -35.82 20.77
N THR A 209 -18.23 -35.20 20.76
CA THR A 209 -17.04 -35.68 21.42
C THR A 209 -16.83 -35.00 22.75
N LYS A 210 -16.32 -35.78 23.71
CA LYS A 210 -15.94 -35.27 25.02
C LYS A 210 -14.85 -36.21 25.49
N VAL A 211 -13.66 -35.65 25.73
CA VAL A 211 -12.49 -36.41 26.17
C VAL A 211 -11.94 -35.84 27.47
N ASP A 212 -11.34 -36.73 28.26
CA ASP A 212 -10.71 -36.42 29.54
C ASP A 212 -9.29 -36.92 29.40
N LYS A 213 -8.30 -36.08 29.67
CA LYS A 213 -6.91 -36.51 29.56
C LYS A 213 -6.12 -36.19 30.84
N LYS A 214 -5.73 -37.23 31.56
CA LYS A 214 -4.94 -37.08 32.78
C LYS A 214 -3.50 -36.70 32.33
N ILE A 215 -2.85 -35.79 33.08
CA ILE A 215 -1.48 -35.36 32.74
C ILE A 215 -0.52 -36.17 33.63
N VAL A 216 0.29 -37.03 33.00
CA VAL A 216 1.24 -37.90 33.65
C VAL A 216 2.68 -37.45 33.35
N PRO A 217 3.60 -37.54 34.36
CA PRO A 217 4.98 -37.13 34.10
C PRO A 217 5.63 -37.83 32.90
N ARG A 218 6.21 -37.04 32.00
CA ARG A 218 6.89 -37.56 30.80
C ARG A 218 7.57 -36.43 30.01
N ASP B 1 -7.36 6.11 -3.52
CA ASP B 1 -8.19 6.31 -2.28
C ASP B 1 -7.45 7.18 -1.28
N VAL B 2 -8.19 7.83 -0.38
CA VAL B 2 -7.58 8.67 0.65
C VAL B 2 -7.02 7.73 1.74
N VAL B 3 -5.75 7.91 2.08
CA VAL B 3 -5.08 7.11 3.11
C VAL B 3 -5.28 7.84 4.44
N MET B 4 -5.81 7.12 5.43
CA MET B 4 -6.06 7.65 6.78
C MET B 4 -4.99 7.03 7.71
N THR B 5 -4.13 7.86 8.28
CA THR B 5 -3.04 7.39 9.16
C THR B 5 -3.23 7.74 10.62
N GLN B 6 -3.57 6.75 11.45
CA GLN B 6 -3.77 6.91 12.88
C GLN B 6 -2.49 6.68 13.66
N THR B 7 -2.20 7.57 14.63
CA THR B 7 -1.01 7.44 15.47
C THR B 7 -1.42 7.64 16.95
N PRO B 8 -1.04 6.69 17.84
CA PRO B 8 -0.33 5.42 17.56
C PRO B 8 -1.36 4.33 17.30
N LEU B 9 -0.89 3.13 16.92
CA LEU B 9 -1.76 1.96 16.64
C LEU B 9 -2.17 1.24 17.93
N THR B 10 -1.34 1.40 18.96
CA THR B 10 -1.60 0.85 20.28
C THR B 10 -1.21 1.97 21.24
N LEU B 11 -2.16 2.36 22.08
CA LEU B 11 -1.97 3.42 23.07
C LEU B 11 -2.26 2.87 24.47
N SER B 12 -1.24 2.93 25.32
CA SER B 12 -1.30 2.47 26.71
C SER B 12 -1.89 3.59 27.51
N VAL B 13 -2.96 3.30 28.24
CA VAL B 13 -3.67 4.28 29.04
C VAL B 13 -3.73 3.88 30.52
N THR B 14 -4.22 4.81 31.35
CA THR B 14 -4.40 4.62 32.79
C THR B 14 -5.80 5.15 33.13
N ILE B 15 -6.59 4.37 33.87
CA ILE B 15 -7.93 4.83 34.23
C ILE B 15 -7.75 6.09 35.06
N GLY B 16 -8.54 7.11 34.77
CA GLY B 16 -8.46 8.40 35.48
C GLY B 16 -7.61 9.43 34.76
N GLN B 17 -6.80 9.00 33.80
CA GLN B 17 -5.92 9.90 33.05
C GLN B 17 -6.43 10.13 31.61
N PRO B 18 -5.91 11.19 30.93
CA PRO B 18 -6.32 11.55 29.57
C PRO B 18 -5.59 10.79 28.47
N ALA B 19 -6.25 10.60 27.33
CA ALA B 19 -5.63 9.90 26.18
C ALA B 19 -5.85 10.74 24.94
N SER B 20 -4.95 10.60 23.96
CA SER B 20 -5.06 11.35 22.71
C SER B 20 -4.68 10.48 21.51
N ILE B 21 -5.45 10.58 20.42
CA ILE B 21 -5.23 9.83 19.16
C ILE B 21 -5.19 10.78 17.96
N SER B 22 -4.14 10.68 17.14
CA SER B 22 -3.97 11.48 15.94
C SER B 22 -4.43 10.70 14.69
N CYS B 23 -5.03 11.43 13.74
CA CYS B 23 -5.50 10.89 12.44
C CYS B 23 -5.15 11.90 11.33
N LYS B 24 -4.22 11.55 10.44
CA LYS B 24 -3.83 12.41 9.31
C LYS B 24 -4.29 11.80 7.97
N SER B 25 -4.80 12.64 7.08
CA SER B 25 -5.27 12.17 5.77
C SER B 25 -4.36 12.58 4.61
N SER B 26 -4.37 11.81 3.53
CA SER B 26 -3.48 12.07 2.39
C SER B 26 -3.91 13.28 1.53
N GLN B 27 -5.15 13.68 1.69
CA GLN B 27 -5.72 14.83 1.00
C GLN B 27 -6.75 15.51 1.91
N SER B 28 -7.03 16.78 1.59
CA SER B 28 -7.96 17.58 2.36
C SER B 28 -9.35 16.97 2.41
N LEU B 29 -9.96 17.09 3.59
CA LEU B 29 -11.27 16.58 3.81
C LEU B 29 -12.31 17.70 3.89
N LEU B 30 -11.95 18.94 3.55
CA LEU B 30 -12.91 20.07 3.54
C LEU B 30 -13.71 19.82 2.29
N ASP B 31 -15.03 19.66 2.39
CA ASP B 31 -15.85 19.34 1.20
C ASP B 31 -16.43 20.61 0.54
N SER B 32 -17.19 20.41 -0.54
CA SER B 32 -17.80 21.51 -1.33
C SER B 32 -18.73 22.47 -0.58
N ASP B 33 -19.49 21.93 0.36
CA ASP B 33 -20.43 22.72 1.16
C ASP B 33 -19.81 23.43 2.39
N GLY B 34 -18.49 23.36 2.52
CA GLY B 34 -17.78 23.96 3.66
C GLY B 34 -17.69 23.05 4.87
N LYS B 35 -18.21 21.85 4.77
CA LYS B 35 -18.17 20.90 5.87
C LYS B 35 -17.03 19.90 5.68
N THR B 36 -16.65 19.26 6.78
CA THR B 36 -15.53 18.30 6.80
C THR B 36 -16.07 16.98 7.32
N TYR B 37 -16.24 16.01 6.43
CA TYR B 37 -16.81 14.71 6.79
C TYR B 37 -15.78 13.74 7.33
N LEU B 38 -15.38 14.00 8.57
CA LEU B 38 -14.43 13.20 9.33
C LEU B 38 -15.21 12.75 10.58
N ASN B 39 -15.25 11.43 10.73
CA ASN B 39 -15.97 10.74 11.79
C ASN B 39 -15.12 9.85 12.66
N TRP B 40 -15.59 9.49 13.84
CA TRP B 40 -14.84 8.54 14.69
C TRP B 40 -15.79 7.46 15.18
N LEU B 41 -15.30 6.22 15.22
CA LEU B 41 -16.06 5.07 15.72
C LEU B 41 -15.29 4.36 16.83
N LEU B 42 -16.03 3.62 17.65
CA LEU B 42 -15.47 2.80 18.70
C LEU B 42 -16.04 1.39 18.56
N GLN B 43 -15.17 0.38 18.64
CA GLN B 43 -15.61 -1.00 18.58
C GLN B 43 -15.04 -1.73 19.80
N ARG B 44 -15.90 -1.99 20.79
CA ARG B 44 -15.51 -2.71 22.01
C ARG B 44 -15.46 -4.20 21.70
N PRO B 45 -14.65 -4.97 22.48
CA PRO B 45 -14.49 -6.43 22.28
C PRO B 45 -15.80 -7.24 22.08
N GLY B 46 -15.84 -8.02 21.03
CA GLY B 46 -16.99 -8.86 20.73
C GLY B 46 -18.24 -8.14 20.28
N GLN B 47 -18.16 -6.81 20.13
CA GLN B 47 -19.31 -6.00 19.72
C GLN B 47 -19.08 -5.36 18.35
N SER B 48 -20.16 -4.90 17.74
CA SER B 48 -20.09 -4.24 16.44
C SER B 48 -19.64 -2.78 16.63
N PRO B 49 -19.10 -2.13 15.58
CA PRO B 49 -18.67 -0.74 15.73
C PRO B 49 -19.77 0.21 16.20
N LYS B 50 -19.40 1.35 16.74
CA LYS B 50 -20.41 2.29 17.25
C LYS B 50 -19.95 3.75 17.17
N ARG B 51 -20.79 4.52 16.48
CA ARG B 51 -20.62 5.95 16.20
C ARG B 51 -20.25 6.78 17.46
N LEU B 52 -19.24 7.67 17.32
CA LEU B 52 -18.78 8.55 18.40
C LEU B 52 -18.88 10.02 18.06
N ILE B 53 -18.20 10.39 16.98
CA ILE B 53 -18.14 11.76 16.50
C ILE B 53 -18.32 11.86 14.98
N TYR B 54 -19.01 12.91 14.56
CA TYR B 54 -19.23 13.19 13.15
C TYR B 54 -18.92 14.68 12.94
N LEU B 55 -18.73 15.10 11.69
CA LEU B 55 -18.42 16.50 11.36
C LEU B 55 -17.31 17.09 12.26
N VAL B 56 -16.26 16.26 12.47
CA VAL B 56 -15.02 16.57 13.21
C VAL B 56 -15.12 16.66 14.73
N SER B 57 -16.16 17.33 15.22
CA SER B 57 -16.29 17.58 16.65
C SER B 57 -17.66 17.41 17.28
N LYS B 58 -18.64 16.95 16.52
CA LYS B 58 -19.96 16.79 17.05
C LYS B 58 -20.18 15.41 17.67
N LEU B 59 -20.39 15.39 18.99
CA LEU B 59 -20.65 14.15 19.72
C LEU B 59 -22.01 13.67 19.28
N ASP B 60 -22.20 12.37 19.19
CA ASP B 60 -23.48 11.76 18.80
C ASP B 60 -24.35 11.57 20.02
N SER B 61 -25.63 11.24 19.81
CA SER B 61 -26.59 11.00 20.92
C SER B 61 -26.05 10.06 21.98
N GLY B 62 -26.13 10.49 23.23
CA GLY B 62 -25.70 9.69 24.35
C GLY B 62 -24.25 9.28 24.45
N VAL B 63 -23.34 10.08 23.90
CA VAL B 63 -21.91 9.77 23.97
C VAL B 63 -21.37 10.63 25.10
N PRO B 64 -20.59 10.04 26.04
CA PRO B 64 -20.05 10.80 27.16
C PRO B 64 -19.36 12.09 26.74
N ASP B 65 -19.75 13.21 27.35
CA ASP B 65 -19.20 14.53 27.06
C ASP B 65 -17.67 14.64 27.24
N ARG B 66 -17.05 13.65 27.85
CA ARG B 66 -15.60 13.64 28.06
C ARG B 66 -14.79 13.27 26.80
N PHE B 67 -15.48 12.93 25.70
CA PHE B 67 -14.83 12.62 24.39
C PHE B 67 -14.81 13.91 23.62
N THR B 68 -13.61 14.29 23.19
CA THR B 68 -13.37 15.51 22.44
C THR B 68 -12.76 15.19 21.06
N GLY B 69 -13.31 15.79 20.01
CA GLY B 69 -12.79 15.61 18.66
C GLY B 69 -12.51 16.99 18.11
N SER B 70 -11.39 17.15 17.39
CA SER B 70 -11.01 18.43 16.79
C SER B 70 -10.14 18.28 15.53
N GLY B 71 -9.87 19.40 14.85
CA GLY B 71 -8.98 19.41 13.67
C GLY B 71 -9.55 20.07 12.45
N SER B 72 -8.77 20.09 11.38
CA SER B 72 -9.19 20.69 10.10
C SER B 72 -8.17 20.36 9.01
N GLY B 73 -8.58 20.45 7.75
CA GLY B 73 -7.69 20.18 6.62
C GLY B 73 -7.34 18.70 6.48
N THR B 74 -6.11 18.37 6.90
CA THR B 74 -5.58 17.01 6.84
C THR B 74 -5.12 16.45 8.20
N ASP B 75 -5.29 17.21 9.30
CA ASP B 75 -4.85 16.81 10.65
C ASP B 75 -6.05 16.86 11.62
N PHE B 76 -6.31 15.77 12.33
CA PHE B 76 -7.44 15.66 13.25
C PHE B 76 -6.99 14.96 14.55
N THR B 77 -7.79 15.11 15.61
CA THR B 77 -7.46 14.53 16.90
C THR B 77 -8.68 14.17 17.75
N LEU B 78 -8.57 13.06 18.46
CA LEU B 78 -9.61 12.59 19.39
C LEU B 78 -8.93 12.51 20.76
N LYS B 79 -9.45 13.24 21.74
CA LYS B 79 -8.92 13.22 23.09
C LYS B 79 -9.99 12.72 24.04
N ILE B 80 -9.53 12.06 25.09
CA ILE B 80 -10.39 11.55 26.15
C ILE B 80 -9.79 12.23 27.40
N SER B 81 -10.53 13.13 28.02
CA SER B 81 -10.08 13.88 29.23
C SER B 81 -9.66 12.98 30.37
N ARG B 82 -10.51 12.02 30.68
CA ARG B 82 -10.27 11.05 31.75
C ARG B 82 -10.82 9.74 31.21
N VAL B 83 -9.93 8.74 31.10
CA VAL B 83 -10.26 7.43 30.57
C VAL B 83 -10.88 6.48 31.59
N GLU B 84 -11.81 5.65 31.10
CA GLU B 84 -12.50 4.60 31.89
C GLU B 84 -12.46 3.24 31.23
N ALA B 85 -12.92 2.22 31.97
CA ALA B 85 -12.97 0.83 31.48
C ALA B 85 -13.91 0.69 30.26
N GLU B 86 -14.96 1.53 30.21
CA GLU B 86 -15.93 1.53 29.10
C GLU B 86 -15.32 1.98 27.76
N ASP B 87 -14.28 2.81 27.86
CA ASP B 87 -13.58 3.39 26.73
C ASP B 87 -12.57 2.45 26.05
N LEU B 88 -12.36 1.27 26.64
CA LEU B 88 -11.41 0.32 26.09
C LEU B 88 -11.95 -0.40 24.84
N GLY B 89 -11.08 -0.50 23.82
CA GLY B 89 -11.44 -1.13 22.57
C GLY B 89 -10.66 -0.54 21.40
N VAL B 90 -11.22 -0.67 20.19
CA VAL B 90 -10.55 -0.15 18.99
C VAL B 90 -11.24 1.07 18.35
N TYR B 91 -10.49 2.16 18.26
CA TYR B 91 -10.99 3.40 17.69
C TYR B 91 -10.53 3.60 16.26
N TYR B 92 -11.49 3.90 15.38
CA TYR B 92 -11.24 4.17 13.94
C TYR B 92 -11.73 5.55 13.51
N CYS B 93 -10.89 6.26 12.76
CA CYS B 93 -11.29 7.53 12.16
C CYS B 93 -11.63 7.08 10.70
N TRP B 94 -12.60 7.72 10.07
CA TRP B 94 -12.98 7.39 8.68
C TRP B 94 -13.53 8.63 7.98
N GLN B 95 -13.33 8.71 6.65
CA GLN B 95 -13.81 9.90 5.91
C GLN B 95 -14.91 9.67 4.86
N GLY B 96 -15.81 10.64 4.76
CA GLY B 96 -16.91 10.64 3.80
C GLY B 96 -16.87 11.75 2.75
N THR B 97 -15.79 12.53 2.73
CA THR B 97 -15.64 13.63 1.78
C THR B 97 -15.38 13.19 0.33
N HIS B 98 -14.64 12.10 0.19
CA HIS B 98 -14.29 11.58 -1.12
C HIS B 98 -14.77 10.15 -1.30
N PHE B 99 -15.15 9.80 -2.53
CA PHE B 99 -15.53 8.44 -2.83
C PHE B 99 -14.20 7.75 -3.16
N PRO B 100 -13.94 6.56 -2.60
CA PRO B 100 -14.75 5.76 -1.67
C PRO B 100 -14.42 6.02 -0.22
N LEU B 101 -15.40 5.83 0.68
CA LEU B 101 -15.17 5.95 2.11
C LEU B 101 -13.97 5.08 2.52
N THR B 102 -13.08 5.63 3.36
CA THR B 102 -11.89 4.93 3.83
C THR B 102 -11.74 5.11 5.33
N PHE B 103 -11.16 4.11 5.99
CA PHE B 103 -10.93 4.08 7.44
C PHE B 103 -9.43 4.09 7.76
N GLY B 104 -9.09 4.50 8.98
CA GLY B 104 -7.70 4.43 9.43
C GLY B 104 -7.48 2.94 9.75
N ALA B 105 -6.30 2.57 10.26
CA ALA B 105 -6.03 1.15 10.61
C ALA B 105 -6.62 0.68 11.97
N GLY B 106 -6.99 1.62 12.80
CA GLY B 106 -7.52 1.33 14.15
C GLY B 106 -6.45 1.62 15.20
N THR B 107 -6.89 2.05 16.36
CA THR B 107 -5.98 2.33 17.49
C THR B 107 -6.54 1.59 18.69
N LYS B 108 -5.82 0.59 19.18
CA LYS B 108 -6.28 -0.19 20.33
C LYS B 108 -5.79 0.41 21.65
N LEU B 109 -6.73 0.66 22.55
CA LEU B 109 -6.43 1.14 23.91
C LEU B 109 -6.24 -0.04 24.86
N GLU B 110 -5.07 -0.14 25.48
CA GLU B 110 -4.76 -1.17 26.45
C GLU B 110 -4.48 -0.49 27.78
N LEU B 111 -4.46 -1.28 28.86
CA LEU B 111 -4.16 -0.75 30.19
C LEU B 111 -2.68 -0.87 30.49
N LYS B 112 -2.13 0.25 30.92
CA LYS B 112 -0.74 0.36 31.30
C LYS B 112 -0.58 -0.33 32.67
N ARG B 113 0.57 -0.94 32.88
CA ARG B 113 0.91 -1.60 34.13
C ARG B 113 2.41 -1.71 34.16
N ALA B 114 2.92 -2.29 35.26
CA ALA B 114 4.34 -2.51 35.43
C ALA B 114 4.81 -3.64 34.53
N ASP B 115 6.04 -3.52 34.03
CA ASP B 115 6.61 -4.55 33.19
C ASP B 115 6.82 -5.85 33.95
N ALA B 116 6.26 -6.93 33.41
CA ALA B 116 6.40 -8.26 33.99
C ALA B 116 6.99 -9.14 32.91
N ALA B 117 8.10 -9.82 33.20
CA ALA B 117 8.76 -10.73 32.24
C ALA B 117 7.97 -12.04 32.09
N PRO B 118 8.11 -12.75 30.95
CA PRO B 118 7.35 -13.99 30.80
C PRO B 118 7.91 -15.24 31.48
N THR B 119 7.01 -16.12 31.90
CA THR B 119 7.35 -17.41 32.50
C THR B 119 7.25 -18.34 31.31
N VAL B 120 8.38 -18.98 30.96
CA VAL B 120 8.43 -19.88 29.81
C VAL B 120 8.39 -21.33 30.28
N SER B 121 7.66 -22.17 29.53
CA SER B 121 7.50 -23.59 29.83
C SER B 121 7.51 -24.32 28.49
N ILE B 122 8.50 -25.19 28.27
CA ILE B 122 8.59 -25.92 27.01
C ILE B 122 8.16 -27.37 27.26
N PHE B 123 7.46 -27.95 26.30
CA PHE B 123 6.97 -29.34 26.42
C PHE B 123 7.28 -30.15 25.14
N PRO B 124 7.85 -31.36 25.30
CA PRO B 124 8.12 -32.24 24.18
C PRO B 124 6.85 -32.90 23.64
N PRO B 125 6.91 -33.50 22.43
CA PRO B 125 5.72 -34.19 21.90
C PRO B 125 5.32 -35.37 22.80
N SER B 126 4.03 -35.50 23.05
CA SER B 126 3.51 -36.58 23.90
C SER B 126 3.72 -37.96 23.25
N SER B 127 3.65 -39.00 24.07
CA SER B 127 3.79 -40.37 23.59
C SER B 127 2.59 -40.75 22.70
N GLU B 128 1.45 -40.11 22.93
CA GLU B 128 0.24 -40.35 22.17
C GLU B 128 0.32 -39.80 20.76
N GLN B 129 0.83 -38.56 20.60
CA GLN B 129 0.91 -37.93 19.28
C GLN B 129 2.00 -38.57 18.44
N LEU B 130 2.99 -39.10 19.14
CA LEU B 130 4.14 -39.73 18.54
C LEU B 130 3.73 -41.09 17.92
N THR B 131 2.95 -41.89 18.66
CA THR B 131 2.47 -43.21 18.19
C THR B 131 1.56 -43.12 16.94
N SER B 132 1.02 -41.93 16.70
CA SER B 132 0.16 -41.64 15.57
C SER B 132 0.93 -41.06 14.36
N GLY B 133 2.24 -40.92 14.49
CA GLY B 133 3.09 -40.38 13.41
C GLY B 133 3.38 -38.88 13.44
N GLY B 134 2.85 -38.18 14.44
CA GLY B 134 3.05 -36.71 14.57
C GLY B 134 4.03 -36.23 15.63
N ALA B 135 4.44 -34.96 15.54
CA ALA B 135 5.40 -34.37 16.48
C ALA B 135 5.25 -32.87 16.65
N SER B 136 4.52 -32.45 17.69
CA SER B 136 4.32 -31.02 17.97
C SER B 136 5.01 -30.64 19.26
N VAL B 137 5.90 -29.65 19.19
CA VAL B 137 6.63 -29.16 20.35
C VAL B 137 6.00 -27.83 20.74
N VAL B 138 5.60 -27.71 22.00
CA VAL B 138 4.91 -26.52 22.50
C VAL B 138 5.67 -25.69 23.53
N CYS B 139 5.48 -24.38 23.45
CA CYS B 139 6.08 -23.45 24.38
C CYS B 139 5.06 -22.35 24.79
N PHE B 140 4.91 -22.14 26.10
CA PHE B 140 4.03 -21.10 26.58
C PHE B 140 4.91 -20.01 27.18
N LEU B 141 4.54 -18.75 26.93
CA LEU B 141 5.22 -17.58 27.47
C LEU B 141 4.05 -16.84 28.15
N ASN B 142 3.93 -17.03 29.47
CA ASN B 142 2.80 -16.48 30.24
C ASN B 142 2.99 -15.25 31.15
N ASN B 143 1.91 -14.50 31.28
CA ASN B 143 1.86 -13.29 32.10
C ASN B 143 3.06 -12.35 32.00
N PHE B 144 3.14 -11.68 30.85
CA PHE B 144 4.19 -10.70 30.60
C PHE B 144 3.55 -9.37 30.19
N TYR B 145 4.36 -8.32 30.24
CA TYR B 145 3.90 -6.98 29.85
C TYR B 145 5.12 -6.13 29.52
N PRO B 146 5.08 -5.35 28.41
CA PRO B 146 3.98 -5.22 27.44
C PRO B 146 3.86 -6.37 26.45
N LYS B 147 2.80 -6.31 25.64
CA LYS B 147 2.45 -7.32 24.63
C LYS B 147 3.57 -7.71 23.67
N ASP B 148 4.46 -6.78 23.34
CA ASP B 148 5.56 -7.09 22.41
C ASP B 148 6.59 -8.06 22.96
N ILE B 149 6.76 -9.16 22.21
CA ILE B 149 7.67 -10.22 22.56
C ILE B 149 8.06 -10.99 21.30
N ASN B 150 9.29 -11.51 21.31
CA ASN B 150 9.83 -12.32 20.23
C ASN B 150 10.09 -13.74 20.74
N VAL B 151 9.70 -14.73 19.94
CA VAL B 151 9.90 -16.14 20.29
C VAL B 151 10.82 -16.78 19.25
N LYS B 152 11.85 -17.46 19.74
CA LYS B 152 12.87 -18.13 18.93
C LYS B 152 12.92 -19.64 19.18
N TRP B 153 13.13 -20.41 18.12
CA TRP B 153 13.26 -21.89 18.20
C TRP B 153 14.63 -22.33 17.65
N LYS B 154 15.20 -23.35 18.28
CA LYS B 154 16.48 -23.94 17.88
C LYS B 154 16.45 -25.46 18.09
N ILE B 155 16.87 -26.19 17.05
CA ILE B 155 16.97 -27.65 17.08
C ILE B 155 18.47 -27.91 17.07
N ASP B 156 18.98 -28.52 18.14
CA ASP B 156 20.42 -28.77 18.27
C ASP B 156 21.18 -27.48 17.94
N GLY B 157 20.94 -26.46 18.78
CA GLY B 157 21.56 -25.14 18.66
C GLY B 157 21.22 -24.31 17.43
N SER B 158 20.72 -24.95 16.38
CA SER B 158 20.39 -24.30 15.10
C SER B 158 18.93 -23.91 14.95
N GLU B 159 18.69 -22.63 14.68
CA GLU B 159 17.33 -22.10 14.49
C GLU B 159 16.49 -22.81 13.43
N ARG B 160 15.17 -22.69 13.58
CA ARG B 160 14.18 -23.27 12.67
C ARG B 160 13.02 -22.26 12.62
N GLN B 161 12.95 -21.47 11.54
CA GLN B 161 11.89 -20.44 11.43
C GLN B 161 10.58 -20.94 10.78
N ASN B 162 10.66 -22.01 10.00
CA ASN B 162 9.49 -22.60 9.33
C ASN B 162 8.83 -23.69 10.17
N GLY B 163 7.49 -23.73 10.14
CA GLY B 163 6.71 -24.71 10.89
C GLY B 163 6.32 -24.26 12.29
N VAL B 164 6.41 -22.94 12.54
CA VAL B 164 6.06 -22.34 13.85
C VAL B 164 4.76 -21.56 13.74
N LEU B 165 3.80 -21.89 14.60
CA LEU B 165 2.51 -21.20 14.62
C LEU B 165 2.28 -20.66 16.03
N ASN B 166 1.95 -19.37 16.11
CA ASN B 166 1.74 -18.65 17.36
C ASN B 166 0.32 -18.18 17.59
N SER B 167 -0.01 -17.96 18.86
CA SER B 167 -1.34 -17.48 19.28
C SER B 167 -1.19 -16.64 20.57
N TRP B 168 -1.97 -15.56 20.68
CA TRP B 168 -1.92 -14.63 21.82
C TRP B 168 -3.29 -14.37 22.41
N THR B 169 -3.33 -14.26 23.73
CA THR B 169 -4.55 -13.97 24.47
C THR B 169 -4.80 -12.46 24.49
N ASP B 170 -6.01 -12.05 24.92
CA ASP B 170 -6.36 -10.64 25.05
C ASP B 170 -5.76 -10.23 26.38
N GLN B 171 -5.81 -8.94 26.70
CA GLN B 171 -5.24 -8.46 27.97
C GLN B 171 -6.09 -9.01 29.14
N ASP B 172 -5.42 -9.59 30.12
CA ASP B 172 -6.09 -10.19 31.27
C ASP B 172 -6.88 -9.13 32.03
N SER B 173 -8.16 -9.39 32.29
CA SER B 173 -9.02 -8.42 32.99
C SER B 173 -8.63 -8.17 34.44
N LYS B 174 -7.85 -9.08 35.03
CA LYS B 174 -7.42 -8.94 36.44
C LYS B 174 -6.05 -8.28 36.58
N ASP B 175 -4.99 -8.94 36.08
CA ASP B 175 -3.63 -8.41 36.22
C ASP B 175 -3.12 -7.55 35.06
N SER B 176 -3.89 -7.44 33.97
CA SER B 176 -3.52 -6.64 32.79
C SER B 176 -2.33 -7.15 31.96
N THR B 177 -1.97 -8.43 32.09
CA THR B 177 -0.85 -8.99 31.33
C THR B 177 -1.34 -9.73 30.09
N TYR B 178 -0.37 -10.20 29.29
CA TYR B 178 -0.61 -10.96 28.07
C TYR B 178 0.12 -12.31 28.19
N SER B 179 -0.33 -13.28 27.42
CA SER B 179 0.28 -14.60 27.40
C SER B 179 0.27 -15.08 25.97
N MET B 180 1.31 -15.84 25.60
CA MET B 180 1.47 -16.36 24.27
C MET B 180 1.80 -17.86 24.25
N SER B 181 1.26 -18.53 23.24
CA SER B 181 1.49 -19.94 22.97
C SER B 181 2.15 -20.06 21.61
N SER B 182 3.23 -20.86 21.52
CA SER B 182 3.99 -21.09 20.28
C SER B 182 4.21 -22.59 20.06
N THR B 183 3.74 -23.11 18.91
CA THR B 183 3.88 -24.53 18.59
C THR B 183 4.76 -24.78 17.34
N LEU B 184 5.68 -25.73 17.46
CA LEU B 184 6.59 -26.14 16.40
C LEU B 184 6.14 -27.49 15.87
N THR B 185 5.52 -27.53 14.68
CA THR B 185 5.06 -28.81 14.14
C THR B 185 6.03 -29.50 13.18
N LEU B 186 6.39 -30.74 13.52
CA LEU B 186 7.29 -31.56 12.72
C LEU B 186 6.75 -32.97 12.50
N THR B 187 7.40 -33.70 11.60
CA THR B 187 7.04 -35.08 11.29
C THR B 187 7.72 -35.89 12.39
N LYS B 188 7.30 -37.13 12.59
CA LYS B 188 7.90 -37.97 13.63
C LYS B 188 9.37 -38.32 13.30
N ASP B 189 9.63 -38.63 12.03
CA ASP B 189 10.98 -38.98 11.56
C ASP B 189 11.96 -37.82 11.79
N GLU B 190 11.54 -36.62 11.37
CA GLU B 190 12.36 -35.42 11.52
C GLU B 190 12.57 -35.00 12.99
N TYR B 191 11.71 -35.46 13.89
CA TYR B 191 11.84 -35.15 15.33
C TYR B 191 12.90 -36.05 15.97
N GLU B 192 13.07 -37.24 15.41
CA GLU B 192 14.03 -38.22 15.94
C GLU B 192 15.41 -38.19 15.26
N ARG B 193 15.75 -37.03 14.69
CA ARG B 193 17.04 -36.77 14.05
C ARG B 193 17.82 -35.65 14.74
N HIS B 194 17.28 -35.18 15.87
CA HIS B 194 17.88 -34.10 16.65
C HIS B 194 17.64 -34.45 18.10
N ASN B 195 18.53 -33.99 18.98
CA ASN B 195 18.41 -34.32 20.41
C ASN B 195 17.93 -33.14 21.27
N SER B 196 18.45 -31.93 21.03
CA SER B 196 18.09 -30.75 21.83
C SER B 196 17.13 -29.75 21.14
N TYR B 197 16.05 -29.37 21.85
CA TYR B 197 15.03 -28.43 21.36
C TYR B 197 14.91 -27.27 22.36
N THR B 198 14.98 -26.03 21.86
CA THR B 198 14.94 -24.83 22.74
C THR B 198 13.95 -23.74 22.33
N CYS B 199 13.34 -23.12 23.34
CA CYS B 199 12.39 -22.02 23.19
C CYS B 199 12.97 -20.77 23.86
N GLU B 200 13.04 -19.63 23.15
CA GLU B 200 13.59 -18.40 23.74
C GLU B 200 12.61 -17.22 23.77
N ALA B 201 12.58 -16.50 24.88
CA ALA B 201 11.71 -15.34 25.06
C ALA B 201 12.52 -14.05 25.15
N THR B 202 12.49 -13.26 24.09
CA THR B 202 13.18 -11.97 24.03
C THR B 202 12.13 -10.90 24.33
N HIS B 203 12.25 -10.31 25.51
CA HIS B 203 11.35 -9.26 26.03
C HIS B 203 12.22 -8.12 26.59
N LYS B 204 11.73 -6.88 26.54
CA LYS B 204 12.51 -5.70 27.01
C LYS B 204 13.01 -5.70 28.47
N THR B 205 12.43 -6.56 29.30
CA THR B 205 12.81 -6.67 30.72
C THR B 205 14.21 -7.24 30.97
N SER B 206 14.94 -7.55 29.89
CA SER B 206 16.28 -8.12 29.97
C SER B 206 17.03 -8.02 28.66
N THR B 207 18.35 -7.84 28.74
CA THR B 207 19.20 -7.78 27.54
C THR B 207 19.53 -9.20 27.04
N SER B 208 19.10 -10.20 27.81
CA SER B 208 19.30 -11.61 27.52
C SER B 208 17.96 -12.35 27.46
N PRO B 209 17.82 -13.33 26.55
CA PRO B 209 16.56 -14.08 26.45
C PRO B 209 16.35 -15.16 27.52
N ILE B 210 15.09 -15.45 27.82
CA ILE B 210 14.73 -16.48 28.79
C ILE B 210 14.69 -17.79 28.00
N VAL B 211 15.73 -18.60 28.17
CA VAL B 211 15.91 -19.87 27.46
C VAL B 211 15.43 -21.13 28.23
N LYS B 212 14.65 -21.96 27.55
CA LYS B 212 14.13 -23.23 28.11
C LYS B 212 14.44 -24.34 27.12
N SER B 213 15.03 -25.43 27.59
CA SER B 213 15.36 -26.57 26.72
C SER B 213 15.00 -27.93 27.31
N PHE B 214 15.00 -28.91 26.43
CA PHE B 214 14.77 -30.30 26.79
C PHE B 214 15.44 -31.06 25.67
N ASN B 215 15.95 -32.24 26.01
CA ASN B 215 16.61 -33.10 25.04
C ASN B 215 15.85 -34.42 24.93
N ARG B 216 15.64 -34.90 23.70
CA ARG B 216 14.95 -36.16 23.42
C ARG B 216 15.92 -37.32 23.70
N ASN B 217 16.18 -37.60 24.98
CA ASN B 217 17.09 -38.69 25.40
C ASN B 217 17.20 -38.68 26.94
N GLN C 1 -3.75 0.44 -40.46
CA GLN C 1 -5.21 0.14 -40.59
C GLN C 1 -5.91 0.48 -39.27
N ILE C 2 -5.51 -0.19 -38.18
CA ILE C 2 -6.11 0.03 -36.85
C ILE C 2 -5.40 1.15 -36.07
N GLN C 3 -6.02 2.34 -35.98
CA GLN C 3 -5.42 3.48 -35.25
C GLN C 3 -6.38 4.36 -34.45
N LEU C 4 -5.86 4.90 -33.34
CA LEU C 4 -6.58 5.82 -32.44
C LEU C 4 -5.74 7.11 -32.33
N VAL C 5 -6.32 8.23 -32.74
CA VAL C 5 -5.65 9.54 -32.75
C VAL C 5 -6.26 10.46 -31.69
N GLN C 6 -5.42 10.93 -30.76
CA GLN C 6 -5.84 11.81 -29.67
C GLN C 6 -5.53 13.29 -29.91
N SER C 7 -6.28 14.16 -29.21
CA SER C 7 -6.11 15.61 -29.34
C SER C 7 -4.78 16.08 -28.73
N GLY C 8 -4.45 17.34 -29.00
CA GLY C 8 -3.20 17.94 -28.53
C GLY C 8 -3.13 18.20 -27.03
N PRO C 9 -1.97 18.69 -26.55
CA PRO C 9 -1.74 19.00 -25.13
C PRO C 9 -2.56 20.19 -24.67
N GLU C 10 -2.86 20.24 -23.36
CA GLU C 10 -3.68 21.31 -22.77
C GLU C 10 -2.99 21.91 -21.55
N LEU C 11 -3.18 23.21 -21.34
CA LEU C 11 -2.63 23.90 -20.18
C LEU C 11 -3.84 24.57 -19.49
N LYS C 12 -4.16 24.14 -18.28
CA LYS C 12 -5.32 24.66 -17.52
C LYS C 12 -4.97 25.08 -16.09
N LYS C 13 -5.84 25.91 -15.50
CA LYS C 13 -5.69 26.38 -14.12
C LYS C 13 -6.65 25.61 -13.22
N PRO C 14 -6.36 25.54 -11.91
CA PRO C 14 -7.22 24.87 -10.96
C PRO C 14 -8.66 25.37 -10.96
N GLY C 15 -9.61 24.44 -10.97
CA GLY C 15 -11.03 24.78 -10.98
C GLY C 15 -11.63 24.68 -12.36
N GLU C 16 -10.82 24.88 -13.40
CA GLU C 16 -11.32 24.81 -14.79
C GLU C 16 -11.75 23.39 -15.16
N THR C 17 -12.24 23.25 -16.38
CA THR C 17 -12.68 21.97 -16.92
C THR C 17 -11.97 21.78 -18.28
N VAL C 18 -11.62 20.55 -18.60
CA VAL C 18 -10.94 20.23 -19.85
C VAL C 18 -11.63 19.02 -20.49
N LYS C 19 -11.60 18.93 -21.82
CA LYS C 19 -12.20 17.79 -22.53
C LYS C 19 -11.26 17.33 -23.64
N ILE C 20 -10.96 16.03 -23.70
CA ILE C 20 -10.05 15.50 -24.73
C ILE C 20 -10.75 14.44 -25.62
N SER C 21 -10.28 14.29 -26.85
CA SER C 21 -10.87 13.34 -27.80
C SER C 21 -9.98 12.18 -28.23
N CYS C 22 -10.63 11.09 -28.63
CA CYS C 22 -9.97 9.88 -29.11
C CYS C 22 -10.79 9.34 -30.28
N LYS C 23 -10.56 9.91 -31.47
CA LYS C 23 -11.29 9.51 -32.67
C LYS C 23 -10.70 8.22 -33.24
N ALA C 24 -11.55 7.25 -33.52
CA ALA C 24 -11.10 5.95 -34.05
C ALA C 24 -11.43 5.79 -35.54
N SER C 25 -10.61 4.95 -36.19
CA SER C 25 -10.75 4.62 -37.60
C SER C 25 -10.00 3.32 -37.88
N GLY C 26 -10.49 2.55 -38.85
CA GLY C 26 -9.89 1.26 -39.25
C GLY C 26 -10.71 0.02 -38.92
N TYR C 27 -11.91 0.24 -38.35
CA TYR C 27 -12.80 -0.85 -37.97
C TYR C 27 -14.14 -0.23 -37.58
N THR C 28 -15.10 -1.06 -37.16
CA THR C 28 -16.41 -0.56 -36.74
C THR C 28 -16.31 -0.16 -35.27
N PHE C 29 -16.29 1.16 -35.02
CA PHE C 29 -16.19 1.77 -33.67
C PHE C 29 -17.08 1.12 -32.60
N THR C 30 -18.26 0.64 -32.97
CA THR C 30 -19.17 0.01 -32.01
C THR C 30 -18.86 -1.44 -31.65
N ASP C 31 -17.87 -2.06 -32.28
CA ASP C 31 -17.55 -3.48 -31.98
C ASP C 31 -16.60 -3.73 -30.81
N TYR C 32 -15.76 -2.75 -30.46
CA TYR C 32 -14.83 -2.91 -29.33
C TYR C 32 -14.99 -1.78 -28.30
N SER C 33 -14.58 -2.02 -27.06
CA SER C 33 -14.68 -1.01 -25.98
C SER C 33 -13.46 -0.06 -25.92
N ILE C 34 -13.69 1.18 -25.44
CA ILE C 34 -12.60 2.18 -25.30
C ILE C 34 -12.27 2.41 -23.81
N HIS C 35 -10.98 2.34 -23.49
CA HIS C 35 -10.50 2.48 -22.13
C HIS C 35 -9.61 3.72 -21.95
N TRP C 36 -9.60 4.27 -20.73
CA TRP C 36 -8.79 5.44 -20.37
C TRP C 36 -7.84 5.08 -19.24
N VAL C 37 -6.58 5.49 -19.41
CA VAL C 37 -5.48 5.22 -18.48
C VAL C 37 -4.77 6.53 -18.19
N LYS C 38 -4.47 6.77 -16.93
CA LYS C 38 -3.75 7.96 -16.52
C LYS C 38 -2.29 7.56 -16.26
N GLN C 39 -1.36 8.45 -16.60
CA GLN C 39 0.09 8.27 -16.35
C GLN C 39 0.64 9.63 -15.91
N ALA C 40 0.88 9.81 -14.62
CA ALA C 40 1.44 11.05 -14.05
C ALA C 40 2.89 11.16 -14.58
N PRO C 41 3.45 12.39 -14.64
CA PRO C 41 4.81 12.49 -15.24
C PRO C 41 5.84 11.64 -14.52
N GLY C 42 6.48 10.76 -15.27
CA GLY C 42 7.49 9.84 -14.76
C GLY C 42 6.95 8.67 -13.94
N LYS C 43 5.64 8.51 -13.84
CA LYS C 43 5.06 7.42 -13.05
C LYS C 43 4.44 6.31 -13.92
N GLY C 44 3.88 5.32 -13.25
CA GLY C 44 3.26 4.17 -13.86
C GLY C 44 1.92 4.44 -14.52
N LEU C 45 1.18 3.36 -14.76
CA LEU C 45 -0.11 3.44 -15.45
C LEU C 45 -1.23 3.07 -14.49
N LYS C 46 -2.35 3.75 -14.62
CA LYS C 46 -3.53 3.51 -13.80
C LYS C 46 -4.79 3.60 -14.69
N TRP C 47 -5.60 2.54 -14.66
CA TRP C 47 -6.81 2.42 -15.44
C TRP C 47 -7.94 3.21 -14.81
N MET C 48 -8.55 4.08 -15.60
CA MET C 48 -9.63 4.94 -15.10
C MET C 48 -11.00 4.30 -15.29
N GLY C 49 -11.08 3.36 -16.22
CA GLY C 49 -12.34 2.70 -16.52
C GLY C 49 -12.54 2.64 -18.02
N TRP C 50 -13.76 2.28 -18.44
CA TRP C 50 -14.09 2.15 -19.85
C TRP C 50 -15.48 2.58 -20.17
N ILE C 51 -15.77 2.70 -21.46
CA ILE C 51 -17.11 3.04 -21.92
C ILE C 51 -17.51 1.99 -22.94
N ASN C 52 -18.79 1.64 -22.96
CA ASN C 52 -19.29 0.65 -23.90
C ASN C 52 -19.73 1.43 -25.12
N THR C 53 -19.10 1.14 -26.24
CA THR C 53 -19.34 1.79 -27.51
C THR C 53 -20.72 1.54 -28.11
N GLU C 54 -21.41 0.52 -27.61
CA GLU C 54 -22.75 0.13 -28.06
C GLU C 54 -23.87 0.81 -27.28
N THR C 55 -23.78 0.81 -25.96
CA THR C 55 -24.80 1.44 -25.12
C THR C 55 -24.39 2.84 -24.66
N GLY C 56 -23.10 3.06 -24.45
CA GLY C 56 -22.61 4.36 -23.99
C GLY C 56 -22.49 4.39 -22.48
N GLU C 57 -22.68 3.23 -21.82
CA GLU C 57 -22.60 3.18 -20.36
C GLU C 57 -21.13 3.25 -19.90
N PRO C 58 -20.82 4.19 -19.01
CA PRO C 58 -19.44 4.29 -18.49
C PRO C 58 -19.26 3.55 -17.18
N THR C 59 -18.05 3.04 -16.97
CA THR C 59 -17.66 2.35 -15.73
C THR C 59 -16.41 3.08 -15.20
N TYR C 60 -16.43 3.57 -13.97
CA TYR C 60 -15.29 4.26 -13.40
C TYR C 60 -14.73 3.41 -12.28
N THR C 61 -13.41 3.43 -12.14
CA THR C 61 -12.79 2.75 -11.05
C THR C 61 -12.90 3.76 -9.89
N ASP C 62 -12.68 3.30 -8.66
CA ASP C 62 -12.81 4.10 -7.45
C ASP C 62 -12.22 5.51 -7.30
N ASP C 63 -11.03 5.75 -7.79
CA ASP C 63 -10.39 7.06 -7.66
C ASP C 63 -10.85 8.07 -8.69
N PHE C 64 -11.68 7.64 -9.63
CA PHE C 64 -12.15 8.51 -10.69
C PHE C 64 -13.66 8.67 -10.70
N LYS C 65 -14.24 8.52 -9.51
CA LYS C 65 -15.65 8.66 -9.30
C LYS C 65 -16.00 10.02 -8.78
N GLY C 66 -16.42 10.89 -9.70
CA GLY C 66 -16.82 12.22 -9.32
C GLY C 66 -16.59 13.28 -10.38
N ARG C 67 -15.34 13.70 -10.51
CA ARG C 67 -14.98 14.76 -11.44
C ARG C 67 -14.68 14.31 -12.84
N PHE C 68 -14.78 13.01 -13.11
CA PHE C 68 -14.46 12.47 -14.44
C PHE C 68 -15.71 12.02 -15.22
N ALA C 69 -15.68 12.17 -16.55
CA ALA C 69 -16.81 11.84 -17.41
C ALA C 69 -16.46 11.25 -18.79
N PHE C 70 -16.92 10.03 -19.08
CA PHE C 70 -16.67 9.42 -20.41
C PHE C 70 -17.92 9.61 -21.25
N SER C 71 -17.78 10.23 -22.43
CA SER C 71 -18.93 10.48 -23.33
C SER C 71 -18.66 9.87 -24.70
N LEU C 72 -19.68 9.89 -25.57
CA LEU C 72 -19.53 9.21 -26.83
C LEU C 72 -20.29 9.82 -28.03
N GLU C 73 -20.20 9.06 -29.12
CA GLU C 73 -20.79 9.28 -30.47
C GLU C 73 -22.24 9.04 -30.90
N SER C 74 -22.66 9.92 -31.81
CA SER C 74 -24.03 10.05 -32.31
C SER C 74 -23.71 10.04 -33.82
N SER C 75 -22.86 10.98 -34.23
CA SER C 75 -22.52 11.20 -35.63
C SER C 75 -21.05 11.50 -36.04
N ALA C 76 -20.12 11.31 -35.10
CA ALA C 76 -18.68 11.01 -35.21
C ALA C 76 -18.32 9.56 -34.83
N SER C 77 -17.07 9.34 -34.42
CA SER C 77 -16.59 8.01 -33.98
C SER C 77 -15.48 8.31 -32.99
N THR C 78 -15.83 9.17 -32.06
CA THR C 78 -14.93 9.63 -31.07
C THR C 78 -15.44 9.35 -29.67
N ALA C 79 -14.47 9.11 -28.78
CA ALA C 79 -14.71 8.88 -27.36
C ALA C 79 -14.14 10.13 -26.73
N PHE C 80 -14.75 10.63 -25.67
CA PHE C 80 -14.26 11.83 -25.01
C PHE C 80 -14.05 11.59 -23.51
N LEU C 81 -13.22 12.44 -22.91
CA LEU C 81 -12.93 12.41 -21.50
C LEU C 81 -12.94 13.83 -21.01
N GLN C 82 -13.90 14.14 -20.13
CA GLN C 82 -14.04 15.47 -19.53
C GLN C 82 -13.64 15.36 -18.08
N ILE C 83 -12.82 16.30 -17.60
CA ILE C 83 -12.36 16.34 -16.22
C ILE C 83 -12.77 17.72 -15.67
N ASN C 84 -13.61 17.71 -14.65
CA ASN C 84 -14.13 18.92 -14.00
C ASN C 84 -13.32 19.31 -12.79
N ASN C 85 -13.47 20.56 -12.39
CA ASN C 85 -12.81 21.09 -11.20
C ASN C 85 -11.35 20.64 -11.06
N LEU C 86 -10.58 20.78 -12.15
CA LEU C 86 -9.17 20.40 -12.20
C LEU C 86 -8.30 20.74 -10.99
N LYS C 87 -7.48 19.76 -10.57
CA LYS C 87 -6.53 19.93 -9.46
C LYS C 87 -5.12 19.69 -9.99
N ASN C 88 -4.10 20.19 -9.30
CA ASN C 88 -2.68 20.00 -9.72
C ASN C 88 -2.40 18.52 -10.02
N GLU C 89 -2.80 17.67 -9.08
CA GLU C 89 -2.66 16.21 -9.17
C GLU C 89 -3.27 15.57 -10.42
N ASP C 90 -3.99 16.34 -11.24
CA ASP C 90 -4.53 15.81 -12.50
C ASP C 90 -3.51 16.01 -13.61
N THR C 91 -2.38 16.63 -13.31
CA THR C 91 -1.32 16.84 -14.30
C THR C 91 -0.83 15.45 -14.68
N ALA C 92 -0.97 15.11 -15.96
CA ALA C 92 -0.58 13.80 -16.44
C ALA C 92 -0.93 13.63 -17.90
N THR C 93 -0.43 12.54 -18.48
CA THR C 93 -0.75 12.20 -19.89
C THR C 93 -1.94 11.20 -19.85
N TYR C 94 -2.97 11.45 -20.66
CA TYR C 94 -4.16 10.59 -20.73
C TYR C 94 -4.24 9.80 -22.06
N PHE C 95 -4.22 8.47 -21.94
CA PHE C 95 -4.29 7.56 -23.09
C PHE C 95 -5.68 6.93 -23.21
N CYS C 96 -6.09 6.66 -24.44
CA CYS C 96 -7.34 5.96 -24.72
C CYS C 96 -6.80 4.66 -25.28
N ALA C 97 -7.48 3.55 -25.07
CA ALA C 97 -7.06 2.22 -25.56
C ALA C 97 -8.30 1.50 -26.02
N ARG C 98 -8.15 0.53 -26.92
CA ARG C 98 -9.29 -0.24 -27.48
C ARG C 98 -9.15 -1.73 -27.21
N ALA C 99 -10.23 -2.35 -26.74
CA ALA C 99 -10.26 -3.78 -26.42
C ALA C 99 -10.01 -4.71 -27.61
N THR C 100 -9.88 -6.00 -27.30
CA THR C 100 -9.65 -7.02 -28.32
C THR C 100 -10.31 -8.27 -27.68
N THR C 101 -10.04 -9.48 -28.19
CA THR C 101 -10.65 -10.67 -27.60
C THR C 101 -10.14 -10.97 -26.19
N ALA C 102 -8.87 -11.38 -26.08
CA ALA C 102 -8.29 -11.70 -24.77
C ALA C 102 -7.68 -10.48 -24.01
N THR C 103 -7.84 -9.27 -24.55
CA THR C 103 -7.26 -8.08 -23.93
C THR C 103 -8.04 -6.77 -24.12
N GLU C 104 -8.15 -6.01 -23.02
CA GLU C 104 -8.84 -4.73 -22.91
C GLU C 104 -8.03 -3.53 -23.42
N LEU C 105 -6.72 -3.54 -23.21
CA LEU C 105 -5.82 -2.44 -23.64
C LEU C 105 -4.89 -3.01 -24.72
N ALA C 106 -5.38 -3.10 -25.94
CA ALA C 106 -4.60 -3.70 -27.04
C ALA C 106 -4.06 -2.72 -28.09
N TYR C 107 -4.88 -1.73 -28.45
CA TYR C 107 -4.49 -0.71 -29.45
C TYR C 107 -4.66 0.58 -28.69
N TRP C 108 -3.55 1.31 -28.51
CA TRP C 108 -3.51 2.57 -27.74
C TRP C 108 -3.40 3.85 -28.57
N GLY C 109 -3.78 4.97 -27.96
CA GLY C 109 -3.66 6.30 -28.57
C GLY C 109 -2.25 6.77 -28.25
N GLN C 110 -1.79 7.88 -28.82
CA GLN C 110 -0.43 8.35 -28.54
C GLN C 110 -0.35 9.19 -27.28
N GLY C 111 -1.50 9.50 -26.67
CA GLY C 111 -1.57 10.28 -25.44
C GLY C 111 -1.75 11.79 -25.60
N THR C 112 -2.47 12.36 -24.62
CA THR C 112 -2.78 13.79 -24.49
C THR C 112 -2.28 14.29 -23.13
N LEU C 113 -1.37 15.27 -23.14
CA LEU C 113 -0.83 15.83 -21.91
C LEU C 113 -1.65 17.04 -21.39
N VAL C 114 -2.16 16.92 -20.17
CA VAL C 114 -2.89 17.98 -19.52
C VAL C 114 -2.01 18.44 -18.37
N THR C 115 -1.71 19.75 -18.31
CA THR C 115 -0.92 20.30 -17.22
C THR C 115 -1.85 21.25 -16.47
N VAL C 116 -1.88 21.13 -15.14
CA VAL C 116 -2.74 21.99 -14.33
C VAL C 116 -1.92 22.95 -13.48
N SER C 117 -2.07 24.24 -13.74
CA SER C 117 -1.31 25.24 -12.99
C SER C 117 -1.97 26.59 -12.92
N ALA C 118 -1.71 27.28 -11.80
CA ALA C 118 -2.23 28.60 -11.55
C ALA C 118 -1.30 29.70 -12.07
N ALA C 119 -0.12 29.37 -12.59
CA ALA C 119 0.85 30.36 -13.09
C ALA C 119 0.57 30.98 -14.44
N LYS C 120 1.26 32.10 -14.71
CA LYS C 120 1.13 32.82 -15.96
C LYS C 120 2.48 32.80 -16.64
N THR C 121 2.50 33.21 -17.90
CA THR C 121 3.73 33.26 -18.67
C THR C 121 4.71 34.21 -17.98
N THR C 122 5.84 33.65 -17.55
CA THR C 122 6.90 34.38 -16.84
C THR C 122 8.28 34.10 -17.43
N PRO C 123 9.07 35.16 -17.70
CA PRO C 123 10.40 34.90 -18.21
C PRO C 123 11.35 34.37 -17.09
N PRO C 124 12.38 33.60 -17.47
CA PRO C 124 13.33 33.03 -16.52
C PRO C 124 14.42 33.97 -16.05
N SER C 125 14.76 33.88 -14.76
CA SER C 125 15.87 34.67 -14.22
C SER C 125 17.10 33.80 -14.49
N VAL C 126 18.09 34.35 -15.17
CA VAL C 126 19.30 33.60 -15.55
C VAL C 126 20.54 34.01 -14.73
N TYR C 127 21.02 33.08 -13.89
CA TYR C 127 22.18 33.31 -13.03
C TYR C 127 23.44 32.51 -13.42
N PRO C 128 24.60 33.17 -13.36
CA PRO C 128 25.87 32.53 -13.72
C PRO C 128 26.44 31.71 -12.58
N LEU C 129 27.01 30.55 -12.92
CA LEU C 129 27.61 29.65 -11.93
C LEU C 129 29.12 29.53 -12.20
N ALA C 130 29.90 30.11 -11.31
CA ALA C 130 31.37 30.12 -11.40
C ALA C 130 32.03 29.53 -10.13
N PRO C 131 33.14 28.80 -10.30
CA PRO C 131 33.85 28.21 -9.15
C PRO C 131 34.57 29.26 -8.30
N SER C 139 43.23 20.96 -16.04
CA SER C 139 43.15 20.87 -17.50
C SER C 139 41.77 21.30 -18.02
N MET C 140 40.73 20.94 -17.25
CA MET C 140 39.34 21.25 -17.58
C MET C 140 38.69 22.03 -16.47
N VAL C 141 37.64 22.77 -16.81
CA VAL C 141 36.84 23.54 -15.86
C VAL C 141 35.34 23.44 -16.20
N THR C 142 34.50 23.23 -15.20
CA THR C 142 33.07 23.16 -15.41
C THR C 142 32.41 24.44 -14.89
N LEU C 143 31.52 24.99 -15.70
CA LEU C 143 30.79 26.21 -15.33
C LEU C 143 29.31 25.91 -15.56
N GLY C 144 28.46 26.87 -15.22
CA GLY C 144 27.04 26.67 -15.43
C GLY C 144 26.18 27.90 -15.42
N CYS C 145 24.88 27.65 -15.61
CA CYS C 145 23.78 28.63 -15.61
C CYS C 145 22.53 28.06 -14.93
N LEU C 146 21.96 28.82 -13.99
CA LEU C 146 20.73 28.49 -13.26
C LEU C 146 19.63 29.32 -13.91
N VAL C 147 18.63 28.62 -14.45
CA VAL C 147 17.50 29.22 -15.14
C VAL C 147 16.33 29.03 -14.19
N LYS C 148 15.99 30.10 -13.47
CA LYS C 148 15.00 30.03 -12.44
C LYS C 148 13.75 30.92 -12.54
N GLY C 149 12.62 30.33 -12.13
CA GLY C 149 11.29 30.98 -12.08
C GLY C 149 10.59 31.31 -13.38
N TYR C 150 10.41 30.32 -14.26
CA TYR C 150 9.79 30.52 -15.57
C TYR C 150 8.61 29.57 -15.83
N PHE C 151 7.69 30.00 -16.70
CA PHE C 151 6.49 29.22 -17.06
C PHE C 151 5.91 29.71 -18.41
N PRO C 152 5.50 28.79 -19.31
CA PRO C 152 5.51 27.29 -19.31
C PRO C 152 6.89 26.61 -19.46
N GLU C 153 6.90 25.28 -19.29
CA GLU C 153 8.09 24.35 -19.30
C GLU C 153 9.14 24.35 -20.44
N PRO C 154 8.82 24.89 -21.64
CA PRO C 154 9.86 24.91 -22.69
C PRO C 154 10.87 26.12 -22.74
N VAL C 155 12.16 25.86 -22.53
CA VAL C 155 13.22 26.88 -22.67
C VAL C 155 14.30 26.21 -23.52
N THR C 156 15.21 27.03 -24.03
CA THR C 156 16.34 26.59 -24.85
C THR C 156 17.59 27.26 -24.29
N VAL C 157 18.55 26.45 -23.85
CA VAL C 157 19.81 26.95 -23.31
C VAL C 157 20.94 26.56 -24.25
N THR C 158 21.74 27.56 -24.64
CA THR C 158 22.91 27.32 -25.49
C THR C 158 24.15 27.96 -24.88
N TRP C 159 25.31 27.69 -25.47
CA TRP C 159 26.55 28.25 -24.96
C TRP C 159 27.33 28.88 -26.10
N ASN C 160 27.78 30.12 -25.91
CA ASN C 160 28.50 30.85 -26.95
C ASN C 160 27.75 30.82 -28.29
N SER C 161 26.43 31.00 -28.22
CA SER C 161 25.55 30.97 -29.41
C SER C 161 25.63 29.62 -30.15
N GLY C 162 25.80 28.53 -29.41
CA GLY C 162 25.91 27.20 -29.99
C GLY C 162 27.34 26.77 -30.34
N SER C 163 28.27 27.73 -30.35
CA SER C 163 29.68 27.43 -30.64
C SER C 163 30.14 26.27 -29.78
N LEU C 164 29.86 26.34 -28.48
CA LEU C 164 30.21 25.28 -27.54
C LEU C 164 29.09 24.23 -27.61
N SER C 165 29.32 23.19 -28.43
CA SER C 165 28.36 22.10 -28.67
C SER C 165 28.47 20.91 -27.69
N SER C 166 29.60 20.19 -27.72
CA SER C 166 29.81 19.04 -26.85
C SER C 166 30.25 19.46 -25.44
N GLY C 167 30.13 18.53 -24.48
CA GLY C 167 30.51 18.77 -23.09
C GLY C 167 29.39 19.41 -22.27
N VAL C 168 28.27 19.73 -22.93
CA VAL C 168 27.12 20.35 -22.29
C VAL C 168 26.12 19.30 -21.78
N HIS C 169 25.42 19.68 -20.71
CA HIS C 169 24.37 18.86 -20.09
C HIS C 169 23.27 19.78 -19.64
N THR C 170 22.13 19.73 -20.31
CA THR C 170 20.96 20.55 -19.97
C THR C 170 20.04 19.55 -19.27
N PHE C 171 19.66 19.87 -18.03
CA PHE C 171 18.88 18.98 -17.22
C PHE C 171 17.36 19.21 -17.27
N PRO C 172 16.56 18.14 -17.04
CA PRO C 172 15.10 18.31 -17.04
C PRO C 172 14.70 19.30 -15.95
N ALA C 173 13.74 20.16 -16.27
CA ALA C 173 13.27 21.15 -15.33
C ALA C 173 12.57 20.45 -14.17
N VAL C 174 12.35 21.19 -13.09
CA VAL C 174 11.66 20.69 -11.88
C VAL C 174 10.73 21.80 -11.40
N LEU C 175 9.58 21.44 -10.87
CA LEU C 175 8.63 22.45 -10.40
C LEU C 175 9.03 23.02 -9.02
N GLN C 176 9.32 24.32 -8.97
CA GLN C 176 9.71 24.99 -7.72
C GLN C 176 8.64 25.98 -7.25
N SER C 177 7.51 25.41 -6.81
CA SER C 177 6.26 26.10 -6.38
C SER C 177 5.49 27.04 -7.32
N ASP C 178 4.92 26.43 -8.36
CA ASP C 178 4.28 27.12 -9.49
C ASP C 178 5.22 27.73 -10.54
N LEU C 179 6.53 27.50 -10.42
CA LEU C 179 7.50 28.00 -11.41
C LEU C 179 8.57 26.94 -11.66
N TYR C 180 8.98 26.79 -12.92
CA TYR C 180 10.00 25.82 -13.32
C TYR C 180 11.41 26.33 -13.12
N THR C 181 12.30 25.41 -12.76
CA THR C 181 13.72 25.70 -12.58
C THR C 181 14.51 24.58 -13.27
N LEU C 182 15.59 24.98 -13.93
CA LEU C 182 16.44 24.10 -14.71
C LEU C 182 17.88 24.62 -14.68
N SER C 183 18.85 23.74 -14.96
CA SER C 183 20.27 24.11 -14.99
C SER C 183 20.98 23.40 -16.11
N SER C 184 22.06 24.03 -16.58
CA SER C 184 22.90 23.51 -17.65
C SER C 184 24.37 23.75 -17.28
N SER C 185 25.22 22.79 -17.60
CA SER C 185 26.65 22.88 -17.32
C SER C 185 27.40 22.73 -18.62
N VAL C 186 28.59 23.34 -18.65
CA VAL C 186 29.49 23.28 -19.80
C VAL C 186 30.90 23.02 -19.26
N THR C 187 31.62 22.11 -19.90
CA THR C 187 32.97 21.77 -19.53
C THR C 187 33.83 22.32 -20.66
N VAL C 188 34.90 23.05 -20.31
CA VAL C 188 35.81 23.65 -21.28
C VAL C 188 37.27 23.54 -20.82
N PRO C 189 38.23 23.57 -21.77
CA PRO C 189 39.64 23.48 -21.35
C PRO C 189 40.02 24.64 -20.45
N SER C 190 40.92 24.42 -19.50
CA SER C 190 41.30 25.49 -18.59
C SER C 190 42.08 26.64 -19.30
N SER C 191 42.45 26.40 -20.57
CA SER C 191 43.16 27.37 -21.42
C SER C 191 42.17 28.33 -22.12
N THR C 192 40.89 28.02 -21.99
CA THR C 192 39.78 28.80 -22.56
C THR C 192 39.22 29.81 -21.56
N TRP C 193 38.98 29.35 -20.33
CA TRP C 193 38.40 30.18 -19.27
C TRP C 193 39.34 30.19 -18.07
N PRO C 194 39.50 31.33 -17.38
CA PRO C 194 38.88 32.65 -17.59
C PRO C 194 39.58 33.58 -18.59
N SER C 195 40.51 33.04 -19.40
CA SER C 195 41.23 33.85 -20.39
C SER C 195 40.29 34.40 -21.47
N GLU C 196 39.27 33.62 -21.84
CA GLU C 196 38.32 34.05 -22.86
C GLU C 196 36.91 34.11 -22.24
N THR C 197 35.97 34.59 -23.04
CA THR C 197 34.59 34.75 -22.60
C THR C 197 33.71 33.50 -22.81
N VAL C 198 32.92 33.17 -21.80
CA VAL C 198 31.97 32.06 -21.89
C VAL C 198 30.62 32.64 -21.50
N THR C 199 29.63 32.50 -22.39
CA THR C 199 28.29 33.04 -22.16
C THR C 199 27.15 32.02 -22.41
N CYS C 200 26.18 31.98 -21.50
CA CYS C 200 25.02 31.09 -21.68
C CYS C 200 23.88 31.95 -22.27
N ASN C 201 23.17 31.40 -23.27
CA ASN C 201 22.06 32.06 -23.99
C ASN C 201 20.75 31.30 -23.74
N VAL C 202 19.84 31.84 -22.94
CA VAL C 202 18.59 31.15 -22.68
C VAL C 202 17.44 31.83 -23.44
N ALA C 203 16.74 31.03 -24.26
CA ALA C 203 15.60 31.49 -25.04
C ALA C 203 14.30 30.90 -24.48
N HIS C 204 13.28 31.74 -24.25
CA HIS C 204 11.97 31.30 -23.73
C HIS C 204 10.84 31.68 -24.72
N PRO C 205 10.41 30.72 -25.57
CA PRO C 205 9.38 30.94 -26.60
C PRO C 205 8.09 31.60 -26.11
N ALA C 206 7.46 31.05 -25.07
CA ALA C 206 6.24 31.62 -24.54
C ALA C 206 6.33 33.15 -24.39
N SER C 207 7.38 33.64 -23.74
CA SER C 207 7.53 35.09 -23.53
C SER C 207 8.27 35.85 -24.66
N SER C 208 8.62 35.14 -25.74
CA SER C 208 9.37 35.71 -26.86
C SER C 208 10.61 36.46 -26.33
N THR C 209 11.21 35.89 -25.27
CA THR C 209 12.38 36.45 -24.56
C THR C 209 13.64 35.64 -24.73
N LYS C 210 14.80 36.32 -24.70
CA LYS C 210 16.11 35.68 -24.79
C LYS C 210 17.16 36.52 -24.05
N VAL C 211 17.87 35.85 -23.13
CA VAL C 211 18.89 36.47 -22.28
C VAL C 211 20.26 35.82 -22.35
N ASP C 212 21.31 36.65 -22.40
CA ASP C 212 22.71 36.19 -22.42
C ASP C 212 23.44 36.59 -21.13
N LYS C 213 24.03 35.60 -20.44
CA LYS C 213 24.74 35.82 -19.19
C LYS C 213 26.19 35.30 -19.24
N LYS C 214 27.13 36.24 -19.10
CA LYS C 214 28.57 35.96 -19.12
C LYS C 214 29.06 35.38 -17.76
N ILE C 215 29.79 34.28 -17.82
CA ILE C 215 30.32 33.64 -16.59
C ILE C 215 31.69 34.27 -16.25
N VAL C 216 31.72 35.06 -15.19
CA VAL C 216 32.90 35.75 -14.72
C VAL C 216 33.44 35.11 -13.42
N PRO C 217 34.78 34.98 -13.28
CA PRO C 217 35.25 34.41 -12.02
C PRO C 217 34.89 35.31 -10.82
N ARG C 218 34.77 34.71 -9.64
CA ARG C 218 34.41 35.45 -8.41
C ARG C 218 35.44 36.50 -8.02
N ASP D 1 -7.53 -4.57 -4.63
CA ASP D 1 -7.15 -4.83 -6.02
C ASP D 1 -6.02 -5.83 -5.97
N VAL D 2 -5.77 -6.47 -7.09
CA VAL D 2 -4.69 -7.46 -7.24
C VAL D 2 -3.38 -6.68 -7.35
N VAL D 3 -2.45 -6.92 -6.45
CA VAL D 3 -1.16 -6.26 -6.47
C VAL D 3 -0.28 -7.04 -7.43
N MET D 4 0.43 -6.35 -8.33
CA MET D 4 1.34 -7.01 -9.31
C MET D 4 2.77 -6.59 -8.95
N THR D 5 3.58 -7.55 -8.49
CA THR D 5 4.95 -7.23 -8.08
C THR D 5 5.90 -7.62 -9.23
N GLN D 6 6.49 -6.61 -9.90
CA GLN D 6 7.45 -6.85 -10.99
C GLN D 6 8.86 -6.81 -10.49
N THR D 7 9.72 -7.65 -11.09
CA THR D 7 11.07 -7.71 -10.60
C THR D 7 12.08 -8.22 -11.65
N PRO D 8 13.23 -7.55 -11.77
CA PRO D 8 13.65 -6.38 -11.03
C PRO D 8 12.98 -5.13 -11.62
N LEU D 9 13.12 -3.99 -10.95
CA LEU D 9 12.54 -2.72 -11.43
C LEU D 9 13.43 -2.04 -12.49
N THR D 10 14.71 -2.42 -12.52
CA THR D 10 15.64 -1.93 -13.51
C THR D 10 16.53 -3.11 -13.87
N LEU D 11 16.61 -3.39 -15.17
CA LEU D 11 17.47 -4.47 -15.69
C LEU D 11 18.54 -3.87 -16.61
N SER D 12 19.79 -4.29 -16.46
CA SER D 12 20.90 -3.81 -17.30
C SER D 12 21.26 -4.85 -18.37
N VAL D 13 20.72 -4.64 -19.57
CA VAL D 13 20.93 -5.54 -20.72
C VAL D 13 22.15 -5.17 -21.58
N THR D 14 22.28 -5.79 -22.76
CA THR D 14 23.43 -5.55 -23.67
C THR D 14 23.04 -6.07 -25.06
N ILE D 15 23.33 -5.30 -26.12
CA ILE D 15 22.94 -5.73 -27.48
C ILE D 15 23.12 -7.25 -27.68
N GLY D 16 22.08 -7.90 -28.21
CA GLY D 16 22.09 -9.33 -28.46
C GLY D 16 22.16 -10.33 -27.28
N GLN D 17 22.09 -9.88 -26.03
CA GLN D 17 22.18 -10.83 -24.90
C GLN D 17 20.79 -11.14 -24.24
N PRO D 18 20.68 -12.28 -23.52
CA PRO D 18 19.41 -12.67 -22.92
C PRO D 18 18.88 -11.74 -21.87
N ALA D 19 17.56 -11.74 -21.74
CA ALA D 19 16.87 -10.90 -20.77
C ALA D 19 15.67 -11.64 -20.19
N SER D 20 15.45 -11.44 -18.88
CA SER D 20 14.36 -12.07 -18.14
C SER D 20 13.72 -11.05 -17.19
N ILE D 21 12.39 -11.10 -17.03
CA ILE D 21 11.63 -10.20 -16.11
C ILE D 21 10.51 -11.01 -15.43
N SER D 22 10.45 -10.89 -14.11
CA SER D 22 9.48 -11.58 -13.29
C SER D 22 8.27 -10.71 -12.96
N CYS D 23 7.12 -11.36 -12.81
CA CYS D 23 5.84 -10.73 -12.47
C CYS D 23 5.04 -11.72 -11.60
N LYS D 24 4.85 -11.38 -10.31
CA LYS D 24 4.09 -12.22 -9.39
C LYS D 24 2.82 -11.48 -8.95
N SER D 25 1.73 -12.20 -8.67
CA SER D 25 0.45 -11.56 -8.24
C SER D 25 -0.09 -11.95 -6.86
N SER D 26 -0.88 -11.07 -6.26
CA SER D 26 -1.44 -11.31 -4.90
C SER D 26 -2.54 -12.38 -4.84
N GLN D 27 -3.20 -12.63 -5.97
CA GLN D 27 -4.21 -13.68 -6.08
C GLN D 27 -4.08 -14.33 -7.46
N SER D 28 -4.58 -15.55 -7.56
CA SER D 28 -4.55 -16.33 -8.80
C SER D 28 -5.20 -15.54 -9.91
N LEU D 29 -4.62 -15.65 -11.09
CA LEU D 29 -5.15 -14.94 -12.25
C LEU D 29 -5.84 -15.94 -13.18
N LEU D 30 -6.10 -17.16 -12.65
CA LEU D 30 -6.80 -18.20 -13.37
C LEU D 30 -8.27 -17.84 -13.25
N ASP D 31 -8.91 -17.66 -14.39
CA ASP D 31 -10.32 -17.29 -14.44
C ASP D 31 -11.22 -18.54 -14.51
N SER D 32 -12.50 -18.38 -14.14
CA SER D 32 -13.49 -19.45 -14.18
C SER D 32 -13.68 -20.05 -15.58
N ASP D 33 -13.49 -19.23 -16.62
CA ASP D 33 -13.63 -19.68 -18.01
C ASP D 33 -12.45 -20.56 -18.47
N GLY D 34 -11.41 -20.67 -17.66
CA GLY D 34 -10.26 -21.51 -17.98
C GLY D 34 -9.05 -20.75 -18.46
N LYS D 35 -9.21 -19.46 -18.73
CA LYS D 35 -8.10 -18.64 -19.19
C LYS D 35 -7.44 -17.83 -18.07
N THR D 36 -6.18 -17.47 -18.31
CA THR D 36 -5.39 -16.65 -17.40
C THR D 36 -5.12 -15.31 -18.15
N TYR D 37 -5.81 -14.23 -17.77
CA TYR D 37 -5.66 -12.92 -18.45
C TYR D 37 -4.50 -12.07 -17.89
N LEU D 38 -3.27 -12.50 -18.19
CA LEU D 38 -2.04 -11.83 -17.79
C LEU D 38 -1.36 -11.36 -19.08
N ASN D 39 -1.09 -10.05 -19.13
CA ASN D 39 -0.48 -9.42 -20.32
C ASN D 39 0.84 -8.71 -20.10
N TRP D 40 1.57 -8.45 -21.20
CA TRP D 40 2.85 -7.70 -21.21
C TRP D 40 2.75 -6.51 -22.18
N LEU D 41 3.44 -5.41 -21.84
CA LEU D 41 3.46 -4.17 -22.63
C LEU D 41 4.83 -3.56 -22.57
N LEU D 42 5.10 -2.70 -23.54
CA LEU D 42 6.36 -1.97 -23.66
C LEU D 42 6.10 -0.55 -24.01
N GLN D 43 6.66 0.36 -23.25
CA GLN D 43 6.52 1.78 -23.51
C GLN D 43 7.93 2.26 -23.77
N ARG D 44 8.26 2.51 -25.03
CA ARG D 44 9.59 3.00 -25.38
C ARG D 44 9.73 4.47 -24.94
N PRO D 45 10.98 4.98 -24.86
CA PRO D 45 11.17 6.36 -24.43
C PRO D 45 10.46 7.37 -25.33
N GLY D 46 9.54 8.14 -24.76
CA GLY D 46 8.79 9.17 -25.50
C GLY D 46 7.59 8.68 -26.31
N GLN D 47 7.39 7.37 -26.37
CA GLN D 47 6.28 6.78 -27.14
C GLN D 47 5.21 6.27 -26.18
N SER D 48 4.04 5.93 -26.73
CA SER D 48 2.94 5.41 -25.95
C SER D 48 3.12 3.90 -25.74
N PRO D 49 2.35 3.30 -24.80
CA PRO D 49 2.49 1.88 -24.56
C PRO D 49 2.15 1.03 -25.78
N LYS D 50 2.59 -0.22 -25.78
CA LYS D 50 2.39 -1.06 -26.92
C LYS D 50 2.35 -2.55 -26.54
N ARG D 51 1.35 -3.26 -27.04
CA ARG D 51 1.13 -4.68 -26.80
C ARG D 51 2.24 -5.65 -27.28
N LEU D 52 2.68 -6.58 -26.41
CA LEU D 52 3.68 -7.64 -26.71
C LEU D 52 3.16 -9.08 -26.58
N ILE D 53 2.74 -9.46 -25.36
CA ILE D 53 2.24 -10.80 -25.00
C ILE D 53 0.89 -10.81 -24.26
N TYR D 54 0.00 -11.73 -24.63
CA TYR D 54 -1.31 -11.88 -23.99
C TYR D 54 -1.53 -13.38 -23.63
N LEU D 55 -2.42 -13.63 -22.69
CA LEU D 55 -2.73 -14.99 -22.19
C LEU D 55 -1.45 -15.72 -21.77
N VAL D 56 -0.65 -15.05 -20.97
CA VAL D 56 0.60 -15.56 -20.43
C VAL D 56 1.76 -15.78 -21.42
N SER D 57 1.46 -16.34 -22.59
CA SER D 57 2.51 -16.69 -23.55
C SER D 57 2.27 -16.44 -25.03
N LYS D 58 1.13 -15.87 -25.39
CA LYS D 58 0.80 -15.65 -26.79
C LYS D 58 1.29 -14.31 -27.33
N LEU D 59 2.17 -14.38 -28.34
CA LEU D 59 2.75 -13.18 -28.97
C LEU D 59 1.77 -12.39 -29.83
N ASP D 60 1.86 -11.07 -29.73
CA ASP D 60 1.07 -10.13 -30.50
C ASP D 60 1.43 -10.17 -31.97
N SER D 61 0.48 -9.79 -32.81
CA SER D 61 0.65 -9.70 -34.25
C SER D 61 1.80 -8.73 -34.54
N GLY D 62 2.92 -9.27 -35.00
CA GLY D 62 4.11 -8.47 -35.31
C GLY D 62 5.20 -8.43 -34.24
N VAL D 63 5.03 -9.14 -33.13
CA VAL D 63 6.06 -9.15 -32.08
C VAL D 63 7.05 -10.27 -32.41
N PRO D 64 8.36 -10.04 -32.18
CA PRO D 64 9.42 -11.02 -32.55
C PRO D 64 9.68 -12.22 -31.61
N ASP D 65 10.16 -13.30 -32.22
CA ASP D 65 10.48 -14.61 -31.61
C ASP D 65 11.34 -14.56 -30.35
N ARG D 66 12.18 -13.54 -30.21
CA ARG D 66 13.03 -13.41 -29.01
C ARG D 66 12.16 -13.51 -27.74
N PHE D 67 10.96 -12.97 -27.83
CA PHE D 67 10.01 -12.96 -26.68
C PHE D 67 9.32 -14.28 -26.30
N THR D 68 9.36 -14.57 -25.00
CA THR D 68 8.78 -15.78 -24.41
C THR D 68 8.11 -15.47 -23.05
N GLY D 69 6.78 -15.57 -23.01
CA GLY D 69 6.01 -15.31 -21.77
C GLY D 69 5.62 -16.66 -21.15
N SER D 70 6.01 -16.91 -19.90
CA SER D 70 5.67 -18.19 -19.23
C SER D 70 5.05 -17.94 -17.88
N GLY D 71 4.46 -18.99 -17.30
CA GLY D 71 3.82 -18.89 -15.96
C GLY D 71 2.44 -19.49 -15.83
N SER D 72 1.90 -19.44 -14.60
CA SER D 72 0.53 -19.91 -14.23
C SER D 72 0.23 -19.59 -12.77
N GLY D 73 -1.05 -19.51 -12.43
CA GLY D 73 -1.46 -19.19 -11.05
C GLY D 73 -1.07 -17.79 -10.69
N THR D 74 -0.02 -17.65 -9.88
CA THR D 74 0.51 -16.37 -9.41
C THR D 74 1.93 -15.99 -9.91
N ASP D 75 2.65 -16.90 -10.57
CA ASP D 75 4.01 -16.61 -11.04
C ASP D 75 4.12 -16.62 -12.55
N PHE D 76 4.64 -15.51 -13.07
CA PHE D 76 4.80 -15.27 -14.49
C PHE D 76 6.20 -14.69 -14.75
N THR D 77 6.65 -14.79 -16.00
CA THR D 77 7.99 -14.35 -16.40
C THR D 77 8.00 -13.94 -17.87
N LEU D 78 8.79 -12.94 -18.23
CA LEU D 78 8.94 -12.53 -19.65
C LEU D 78 10.39 -12.83 -19.99
N LYS D 79 10.64 -13.47 -21.13
CA LYS D 79 12.03 -13.76 -21.55
C LYS D 79 12.37 -13.23 -22.93
N ILE D 80 13.54 -12.62 -23.03
CA ILE D 80 14.04 -12.13 -24.32
C ILE D 80 15.30 -12.97 -24.57
N SER D 81 15.37 -13.60 -25.73
CA SER D 81 16.54 -14.43 -26.08
C SER D 81 17.75 -13.55 -26.22
N ARG D 82 17.69 -12.65 -27.20
CA ARG D 82 18.77 -11.70 -27.52
C ARG D 82 18.23 -10.27 -27.67
N VAL D 83 18.54 -9.40 -26.71
CA VAL D 83 18.06 -8.01 -26.76
C VAL D 83 18.59 -7.09 -27.88
N GLU D 84 17.75 -6.70 -28.84
CA GLU D 84 18.15 -5.75 -29.86
C GLU D 84 17.91 -4.35 -29.25
N ALA D 85 18.45 -3.30 -29.85
CA ALA D 85 18.30 -1.93 -29.34
C ALA D 85 16.85 -1.45 -29.21
N GLU D 86 15.94 -1.99 -30.03
CA GLU D 86 14.53 -1.61 -30.00
C GLU D 86 13.77 -2.14 -28.80
N ASP D 87 14.41 -3.01 -28.01
CA ASP D 87 13.78 -3.58 -26.82
C ASP D 87 13.85 -2.71 -25.56
N LEU D 88 14.77 -1.75 -25.53
CA LEU D 88 14.90 -0.88 -24.35
C LEU D 88 13.62 -0.06 -24.16
N GLY D 89 13.24 0.14 -22.89
CA GLY D 89 12.05 0.89 -22.53
C GLY D 89 11.57 0.42 -21.16
N VAL D 90 10.29 0.64 -20.87
CA VAL D 90 9.70 0.24 -19.56
C VAL D 90 8.65 -0.86 -19.86
N TYR D 91 8.81 -2.05 -19.27
CA TYR D 91 7.88 -3.19 -19.50
C TYR D 91 6.89 -3.32 -18.35
N TYR D 92 5.59 -3.38 -18.68
CA TYR D 92 4.51 -3.50 -17.68
C TYR D 92 3.68 -4.78 -17.88
N CYS D 93 3.53 -5.51 -16.79
CA CYS D 93 2.71 -6.70 -16.81
C CYS D 93 1.42 -6.15 -16.24
N TRP D 94 0.30 -6.64 -16.74
CA TRP D 94 -0.99 -6.23 -16.18
C TRP D 94 -1.97 -7.40 -16.24
N GLN D 95 -3.01 -7.34 -15.40
CA GLN D 95 -3.98 -8.42 -15.35
C GLN D 95 -5.42 -7.96 -15.52
N GLY D 96 -6.19 -8.82 -16.20
CA GLY D 96 -7.65 -8.59 -16.42
C GLY D 96 -8.59 -9.68 -15.90
N THR D 97 -8.09 -10.63 -15.10
CA THR D 97 -8.92 -11.70 -14.58
C THR D 97 -9.86 -11.13 -13.56
N HIS D 98 -9.43 -10.10 -12.84
CA HIS D 98 -10.26 -9.48 -11.83
C HIS D 98 -10.46 -7.98 -12.07
N PHE D 99 -11.57 -7.47 -11.57
CA PHE D 99 -11.92 -6.05 -11.63
C PHE D 99 -11.36 -5.46 -10.34
N PRO D 100 -10.64 -4.29 -10.42
CA PRO D 100 -10.28 -3.48 -11.57
C PRO D 100 -8.97 -3.97 -12.11
N LEU D 101 -8.68 -3.62 -13.36
CA LEU D 101 -7.45 -3.97 -14.01
C LEU D 101 -6.31 -3.31 -13.24
N THR D 102 -5.15 -3.99 -13.18
CA THR D 102 -3.94 -3.52 -12.46
C THR D 102 -2.66 -3.83 -13.21
N PHE D 103 -1.70 -2.92 -13.04
CA PHE D 103 -0.40 -2.98 -13.67
C PHE D 103 0.66 -3.04 -12.58
N GLY D 104 1.82 -3.59 -12.93
CA GLY D 104 2.95 -3.64 -12.04
C GLY D 104 3.55 -2.23 -12.10
N ALA D 105 4.56 -1.97 -11.26
CA ALA D 105 5.25 -0.65 -11.18
C ALA D 105 6.07 -0.31 -12.44
N GLY D 106 6.53 -1.36 -13.11
CA GLY D 106 7.31 -1.25 -14.32
C GLY D 106 8.74 -1.69 -14.11
N THR D 107 9.34 -2.20 -15.18
CA THR D 107 10.74 -2.64 -15.14
C THR D 107 11.40 -1.99 -16.33
N LYS D 108 12.34 -1.08 -16.08
CA LYS D 108 13.02 -0.42 -17.18
C LYS D 108 14.32 -1.14 -17.59
N LEU D 109 14.49 -1.31 -18.90
CA LEU D 109 15.72 -1.92 -19.45
C LEU D 109 16.66 -0.78 -19.85
N GLU D 110 17.95 -1.00 -19.62
CA GLU D 110 19.00 -0.01 -19.92
C GLU D 110 20.28 -0.74 -20.23
N LEU D 111 21.24 -0.02 -20.84
CA LEU D 111 22.53 -0.58 -21.25
C LEU D 111 23.61 -0.71 -20.18
N LYS D 112 24.16 -1.91 -20.12
CA LYS D 112 25.24 -2.28 -19.22
C LYS D 112 26.55 -1.89 -19.89
N ARG D 113 27.38 -1.15 -19.17
CA ARG D 113 28.68 -0.75 -19.64
C ARG D 113 29.58 -0.79 -18.42
N ALA D 114 30.83 -0.37 -18.61
CA ALA D 114 31.81 -0.36 -17.55
C ALA D 114 31.54 0.82 -16.62
N ASP D 115 31.64 0.55 -15.34
CA ASP D 115 31.42 1.53 -14.32
C ASP D 115 32.32 2.74 -14.58
N ALA D 116 31.76 3.95 -14.54
CA ALA D 116 32.51 5.20 -14.73
C ALA D 116 32.18 6.10 -13.54
N ALA D 117 33.20 6.73 -12.95
CA ALA D 117 33.01 7.60 -11.78
C ALA D 117 32.57 9.02 -12.17
N PRO D 118 31.78 9.69 -11.30
CA PRO D 118 31.36 11.06 -11.62
C PRO D 118 32.43 12.16 -11.46
N THR D 119 32.19 13.30 -12.10
CA THR D 119 33.02 14.52 -12.03
C THR D 119 32.12 15.45 -11.26
N VAL D 120 32.47 15.77 -10.01
CA VAL D 120 31.64 16.63 -9.16
C VAL D 120 32.16 18.08 -9.13
N SER D 121 31.21 19.04 -9.29
CA SER D 121 31.44 20.49 -9.30
C SER D 121 30.43 21.20 -8.41
N ILE D 122 30.89 22.04 -7.48
CA ILE D 122 29.99 22.78 -6.58
C ILE D 122 30.10 24.29 -6.89
N PHE D 123 28.98 25.01 -6.84
CA PHE D 123 28.95 26.44 -7.13
C PHE D 123 28.19 27.25 -6.06
N PRO D 124 28.79 28.37 -5.55
CA PRO D 124 28.08 29.18 -4.56
C PRO D 124 27.00 30.04 -5.23
N PRO D 125 26.15 30.70 -4.43
CA PRO D 125 25.13 31.54 -5.06
C PRO D 125 25.76 32.68 -5.82
N SER D 126 25.11 33.11 -6.89
CA SER D 126 25.60 34.25 -7.69
C SER D 126 25.31 35.54 -6.93
N SER D 127 26.10 36.60 -7.16
CA SER D 127 25.86 37.88 -6.49
C SER D 127 24.56 38.53 -6.98
N GLU D 128 24.04 38.06 -8.11
CA GLU D 128 22.79 38.57 -8.68
C GLU D 128 21.59 38.04 -7.89
N GLN D 129 21.64 36.75 -7.52
CA GLN D 129 20.57 36.11 -6.76
C GLN D 129 20.55 36.65 -5.32
N LEU D 130 21.75 36.93 -4.79
CA LEU D 130 21.92 37.47 -3.43
C LEU D 130 21.35 38.90 -3.29
N THR D 131 21.21 39.60 -4.41
CA THR D 131 20.63 40.95 -4.42
C THR D 131 19.09 40.88 -4.36
N SER D 132 18.54 39.67 -4.36
CA SER D 132 17.09 39.43 -4.30
C SER D 132 16.67 38.64 -3.04
N GLY D 133 17.59 38.51 -2.07
CA GLY D 133 17.31 37.78 -0.84
C GLY D 133 17.16 36.29 -1.06
N GLY D 134 17.83 35.76 -2.09
CA GLY D 134 17.78 34.34 -2.43
C GLY D 134 19.18 33.75 -2.53
N ALA D 135 19.31 32.44 -2.31
CA ALA D 135 20.62 31.76 -2.35
C ALA D 135 20.52 30.25 -2.67
N SER D 136 20.87 29.90 -3.91
CA SER D 136 20.84 28.51 -4.40
C SER D 136 22.24 27.95 -4.70
N VAL D 137 22.63 26.90 -3.97
CA VAL D 137 23.93 26.26 -4.13
C VAL D 137 23.75 25.05 -5.06
N VAL D 138 24.49 25.03 -6.17
CA VAL D 138 24.38 23.97 -7.17
C VAL D 138 25.56 23.00 -7.22
N CYS D 139 25.24 21.72 -7.45
CA CYS D 139 26.23 20.67 -7.55
C CYS D 139 25.97 19.82 -8.80
N PHE D 140 26.94 19.73 -9.72
CA PHE D 140 26.82 18.90 -10.92
C PHE D 140 27.64 17.58 -10.77
N LEU D 141 27.01 16.43 -11.02
CA LEU D 141 27.69 15.10 -10.94
C LEU D 141 27.51 14.55 -12.34
N ASN D 142 28.60 14.59 -13.11
CA ASN D 142 28.59 14.21 -14.51
C ASN D 142 29.31 12.97 -14.96
N ASN D 143 28.76 12.40 -16.03
CA ASN D 143 29.22 11.20 -16.75
C ASN D 143 29.59 9.92 -15.97
N PHE D 144 28.69 9.47 -15.11
CA PHE D 144 28.86 8.27 -14.29
C PHE D 144 27.96 7.08 -14.74
N TYR D 145 28.30 5.89 -14.25
CA TYR D 145 27.57 4.66 -14.53
C TYR D 145 27.94 3.63 -13.43
N PRO D 146 26.95 2.93 -12.87
CA PRO D 146 25.50 2.96 -13.11
C PRO D 146 24.79 4.21 -12.57
N LYS D 147 23.50 4.32 -12.88
CA LYS D 147 22.64 5.44 -12.43
C LYS D 147 22.60 5.63 -10.91
N ASP D 148 22.65 4.53 -10.17
CA ASP D 148 22.61 4.51 -8.72
C ASP D 148 23.75 5.36 -8.10
N ILE D 149 23.36 6.40 -7.37
CA ILE D 149 24.30 7.32 -6.71
C ILE D 149 23.56 8.04 -5.58
N ASN D 150 24.24 8.32 -4.48
CA ASN D 150 23.60 9.04 -3.35
C ASN D 150 24.32 10.35 -3.09
N VAL D 151 23.61 11.46 -3.29
CA VAL D 151 24.16 12.80 -3.06
C VAL D 151 23.70 13.28 -1.66
N LYS D 152 24.59 13.98 -0.96
CA LYS D 152 24.30 14.48 0.38
C LYS D 152 24.89 15.88 0.58
N TRP D 153 24.18 16.72 1.34
CA TRP D 153 24.58 18.10 1.65
C TRP D 153 24.83 18.32 3.14
N LYS D 154 25.89 19.03 3.47
CA LYS D 154 26.23 19.31 4.87
C LYS D 154 26.60 20.77 5.07
N ILE D 155 26.32 21.29 6.27
CA ILE D 155 26.65 22.68 6.62
C ILE D 155 27.42 22.64 7.95
N ASP D 156 28.75 22.62 7.86
CA ASP D 156 29.66 22.57 9.03
C ASP D 156 29.62 21.21 9.75
N GLY D 157 29.04 20.20 9.09
CA GLY D 157 28.89 18.85 9.66
C GLY D 157 27.52 18.31 9.31
N SER D 158 27.29 17.03 9.58
CA SER D 158 25.99 16.37 9.28
C SER D 158 24.84 16.99 10.09
N GLU D 159 23.69 17.29 9.47
CA GLU D 159 23.39 17.07 8.04
C GLU D 159 22.31 18.09 7.63
N ARG D 160 21.86 18.02 6.37
CA ARG D 160 20.84 18.91 5.81
C ARG D 160 20.01 18.27 4.70
N GLN D 161 18.68 18.33 4.79
CA GLN D 161 17.79 17.79 3.73
C GLN D 161 16.60 18.70 3.34
N ASN D 162 16.53 19.91 3.90
CA ASN D 162 15.46 20.84 3.60
C ASN D 162 15.82 21.68 2.36
N GLY D 163 14.88 21.80 1.42
CA GLY D 163 15.08 22.60 0.20
C GLY D 163 16.02 22.06 -0.85
N VAL D 164 16.17 20.74 -0.92
CA VAL D 164 17.06 20.10 -1.90
C VAL D 164 16.24 19.51 -3.04
N LEU D 165 16.60 19.88 -4.27
CA LEU D 165 15.94 19.43 -5.50
C LEU D 165 16.97 18.84 -6.48
N ASN D 166 16.69 17.63 -7.00
CA ASN D 166 17.58 16.93 -7.94
C ASN D 166 16.97 16.70 -9.32
N SER D 167 17.82 16.40 -10.32
CA SER D 167 17.36 16.12 -11.68
C SER D 167 18.39 15.30 -12.45
N TRP D 168 17.91 14.27 -13.16
CA TRP D 168 18.77 13.36 -13.92
C TRP D 168 18.51 13.35 -15.41
N THR D 169 19.55 13.04 -16.18
CA THR D 169 19.41 12.96 -17.63
C THR D 169 19.11 11.52 -17.98
N ASP D 170 18.63 11.31 -19.21
CA ASP D 170 18.36 9.96 -19.69
C ASP D 170 19.69 9.37 -20.10
N GLN D 171 19.75 8.05 -20.23
CA GLN D 171 20.98 7.40 -20.62
C GLN D 171 21.45 7.95 -21.97
N ASP D 172 22.69 8.40 -21.98
CA ASP D 172 23.28 8.98 -23.17
C ASP D 172 23.40 7.95 -24.29
N SER D 173 23.03 8.35 -25.49
CA SER D 173 23.06 7.47 -26.66
C SER D 173 24.49 7.10 -27.10
N LYS D 174 25.44 7.97 -26.78
CA LYS D 174 26.82 7.77 -27.15
C LYS D 174 27.57 6.92 -26.14
N ASP D 175 27.88 7.52 -24.99
CA ASP D 175 28.66 6.83 -23.98
C ASP D 175 27.88 6.01 -22.94
N SER D 176 26.54 6.03 -23.01
CA SER D 176 25.69 5.27 -22.08
C SER D 176 25.85 5.64 -20.58
N THR D 177 26.34 6.83 -20.32
CA THR D 177 26.49 7.32 -18.95
C THR D 177 25.21 8.11 -18.53
N TYR D 178 25.17 8.52 -17.26
CA TYR D 178 24.09 9.32 -16.69
C TYR D 178 24.72 10.57 -16.05
N SER D 179 23.94 11.65 -15.94
CA SER D 179 24.40 12.88 -15.28
C SER D 179 23.27 13.34 -14.35
N MET D 180 23.65 14.01 -13.26
CA MET D 180 22.76 14.54 -12.25
C MET D 180 23.12 15.96 -11.80
N SER D 181 22.09 16.75 -11.47
CA SER D 181 22.24 18.10 -10.94
C SER D 181 21.51 18.14 -9.59
N SER D 182 22.14 18.73 -8.57
CA SER D 182 21.55 18.83 -7.23
C SER D 182 21.63 20.28 -6.75
N THR D 183 20.48 20.87 -6.44
CA THR D 183 20.43 22.25 -6.05
C THR D 183 19.82 22.45 -4.66
N LEU D 184 20.58 23.09 -3.78
CA LEU D 184 20.14 23.40 -2.41
C LEU D 184 19.71 24.85 -2.49
N THR D 185 18.51 25.16 -1.99
CA THR D 185 18.02 26.53 -2.01
C THR D 185 17.74 27.07 -0.60
N LEU D 186 18.44 28.16 -0.28
CA LEU D 186 18.32 28.87 0.97
C LEU D 186 17.89 30.28 0.60
N THR D 187 17.71 31.14 1.60
CA THR D 187 17.36 32.55 1.36
C THR D 187 18.66 33.31 1.66
N LYS D 188 18.60 34.61 1.90
CA LYS D 188 19.79 35.40 2.21
C LYS D 188 20.25 35.14 3.64
N ASP D 189 19.44 35.57 4.61
CA ASP D 189 19.75 35.40 6.04
C ASP D 189 20.28 34.02 6.32
N GLU D 190 19.46 33.03 5.99
CA GLU D 190 19.74 31.61 6.16
C GLU D 190 21.15 31.21 5.70
N TYR D 191 21.53 31.68 4.52
CA TYR D 191 22.85 31.39 3.91
C TYR D 191 24.06 32.15 4.52
N GLU D 192 23.81 33.30 5.12
CA GLU D 192 24.89 34.11 5.73
C GLU D 192 25.21 33.67 7.16
N ARG D 193 24.39 32.79 7.73
CA ARG D 193 24.58 32.31 9.09
C ARG D 193 25.54 31.10 9.12
N HIS D 194 25.94 30.60 7.96
CA HIS D 194 26.86 29.46 7.87
C HIS D 194 27.95 29.70 6.81
N ASN D 195 29.11 29.06 7.00
CA ASN D 195 30.27 29.25 6.11
C ASN D 195 30.66 28.10 5.17
N SER D 196 30.87 26.89 5.71
CA SER D 196 31.28 25.73 4.90
C SER D 196 30.11 24.93 4.31
N TYR D 197 30.01 24.91 2.98
CA TYR D 197 28.93 24.20 2.23
C TYR D 197 29.53 23.07 1.42
N THR D 198 29.01 21.85 1.63
CA THR D 198 29.54 20.69 0.96
C THR D 198 28.56 19.74 0.26
N CYS D 199 29.00 19.24 -0.90
CA CYS D 199 28.25 18.31 -1.73
C CYS D 199 29.00 16.97 -1.78
N GLU D 200 28.38 15.91 -1.25
CA GLU D 200 28.99 14.55 -1.24
C GLU D 200 28.31 13.57 -2.19
N ALA D 201 29.10 12.69 -2.80
CA ALA D 201 28.59 11.69 -3.76
C ALA D 201 29.07 10.27 -3.46
N THR D 202 28.13 9.39 -3.07
CA THR D 202 28.45 7.98 -2.79
C THR D 202 28.16 7.20 -4.08
N HIS D 203 29.16 6.45 -4.56
CA HIS D 203 29.08 5.68 -5.79
C HIS D 203 30.02 4.44 -5.71
N LYS D 204 29.60 3.39 -6.41
CA LYS D 204 30.23 2.05 -6.57
C LYS D 204 31.70 2.14 -7.01
N THR D 205 32.05 3.20 -7.72
CA THR D 205 33.44 3.35 -8.25
C THR D 205 34.59 3.77 -7.30
N SER D 206 34.28 4.18 -6.07
CA SER D 206 35.29 4.58 -5.09
C SER D 206 34.93 4.07 -3.68
N THR D 207 35.95 3.91 -2.84
CA THR D 207 35.75 3.40 -1.47
C THR D 207 34.91 4.33 -0.59
N SER D 208 35.15 5.62 -0.71
CA SER D 208 34.43 6.63 0.05
C SER D 208 33.82 7.69 -0.86
N PRO D 209 32.87 8.47 -0.32
CA PRO D 209 32.22 9.51 -1.11
C PRO D 209 33.12 10.61 -1.63
N ILE D 210 32.83 11.09 -2.84
CA ILE D 210 33.55 12.20 -3.48
C ILE D 210 32.95 13.50 -2.95
N VAL D 211 33.77 14.29 -2.27
CA VAL D 211 33.35 15.54 -1.64
C VAL D 211 34.01 16.82 -2.19
N LYS D 212 33.17 17.79 -2.56
CA LYS D 212 33.57 19.14 -3.06
C LYS D 212 32.93 20.21 -2.17
N SER D 213 33.72 21.23 -1.79
CA SER D 213 33.26 22.31 -0.91
C SER D 213 33.74 23.71 -1.29
N PHE D 214 33.23 24.69 -0.55
CA PHE D 214 33.63 26.09 -0.71
C PHE D 214 33.30 26.79 0.59
N ASN D 215 33.91 27.96 0.79
CA ASN D 215 33.68 28.79 1.96
C ASN D 215 33.14 30.13 1.55
N ARG D 216 32.07 30.57 2.20
CA ARG D 216 31.48 31.87 1.91
C ARG D 216 32.42 32.97 2.43
N ASN D 217 33.00 32.74 3.62
CA ASN D 217 33.93 33.69 4.25
C ASN D 217 35.32 33.07 4.38
N ALA E 1 -31.12 13.35 -5.43
CA ALA E 1 -31.70 13.24 -4.07
C ALA E 1 -30.72 12.55 -3.08
N GLY E 3 -26.33 11.57 -2.59
CA GLY E 3 -24.99 11.84 -3.12
C GLY E 3 -24.23 10.57 -3.53
N LEU E 4 -23.04 10.72 -4.15
CA LEU E 4 -22.21 9.56 -4.57
C LEU E 4 -21.97 8.52 -3.48
N THR E 5 -21.81 8.93 -2.22
CA THR E 5 -21.59 7.97 -1.11
C THR E 5 -22.90 7.62 -0.36
N GLY E 6 -24.04 8.07 -0.85
CA GLY E 6 -25.33 7.75 -0.26
C GLY E 6 -25.97 8.70 0.71
N ARG E 7 -25.33 9.83 0.99
CA ARG E 7 -25.90 10.81 1.94
C ARG E 7 -27.00 11.66 1.25
N GLY E 9 -30.98 10.40 2.28
CA GLY E 9 -32.11 9.57 1.96
C GLY E 9 -32.89 10.07 0.74
N GLY F 3 -18.23 -7.85 -20.68
CA GLY F 3 -17.97 -8.16 -19.25
C GLY F 3 -17.74 -6.91 -18.39
N LEU F 4 -17.60 -7.10 -17.08
CA LEU F 4 -17.37 -6.00 -16.16
C LEU F 4 -16.14 -5.14 -16.43
N THR F 5 -15.10 -5.70 -17.06
CA THR F 5 -13.86 -4.95 -17.38
C THR F 5 -13.77 -4.56 -18.86
N GLY F 6 -14.80 -4.85 -19.66
CA GLY F 6 -14.80 -4.42 -21.04
C GLY F 6 -14.69 -5.43 -22.13
N ARG F 7 -14.08 -6.56 -21.88
CA ARG F 7 -13.98 -7.59 -22.92
C ARG F 7 -15.33 -7.93 -23.54
#